data_7NIQ
#
_entry.id   7NIQ
#
_cell.length_a   1.00
_cell.length_b   1.00
_cell.length_c   1.00
_cell.angle_alpha   90.00
_cell.angle_beta   90.00
_cell.angle_gamma   90.00
#
_symmetry.space_group_name_H-M   'P 1'
#
loop_
_entity.id
_entity.type
_entity.pdbx_description
1 polymer 'Interferon-induced helicase C domain-containing protein 1'
2 polymer "RNA (5'-R(P*CP*AP*AP*GP*CP*CP*GP*AP*GP*GP*AP*GP*AP*U)-3')"
3 polymer "RNA (5'-R(P*AP*UP*CP*UP*CP*CP*UP*CP*GP*GP*CP*UP*UP*G)-3')"
4 non-polymer "ADENOSINE-5'-DIPHOSPHATE"
5 non-polymer 'TETRAFLUOROALUMINATE ION'
6 non-polymer 'ZINC ION'
#
loop_
_entity_poly.entity_id
_entity_poly.type
_entity_poly.pdbx_seq_one_letter_code
_entity_poly.pdbx_strand_id
1 'polypeptide(L)'
;MSIVCSAEDSFRNLILFFRPRLKMYIQVEPVLDHLIFLSAETKEQILKKINTCGNTSAAELLLSTLEQGQWPLGWTQMFV
EALEHSGNPLAARYVKPTLTDLPSPSSETAHDECLHLLTLLQPTLVDKLLINDVLDTCFEKGLLTVEDRNRISAAGNSGN
ESGVRELLRRIVQKENWFSTFLDVLRQTGNDALFQELTGGGCPEDNTDLANSSHRDGPAANECLLPAVDESSLETEAWNV
DDILPEASCTDSSVTTESDTSLAEGSVSCFDESLGHNSNMGRDSGTMGSDSDESVIQTKRVSPEPELQLRPYQMEVAQPA
LDGKNIIICLPTGSGKTRVAVYITKDHLDKKKQASESGKVIVLVNKVMLAEQLFRKEFNPYLKKWYRIIGLSGDTQLKIS
FPEVVKSYDVIISTAQILENSLLNLESGDDDGVQLSDFSLIIIDECHHTNKEAVYNNIMRRYLKQKLRNNDLKKQNKPAI
PLPQILGLTASPGVGAAKKQSEAEKHILNICANLDAFTIKTVKENLGQLKHQIKEPCKKFVIADDTRENPFKEKLLEIMA
SIQTYCQKSPMSDFGTQHYEQWAIQMEKKAAKDGNRKDRVCAEHLRKYNEALQINDTIRMIDAYSHLETFYTDEKEKKFA
VLNDSDKSDDEASSCNDQLKGDVKKSLKLDETDEFLMNLFFDNKKMLKKLAENPKYENEKLIKLRNTILEQFTRSEESSR
GIIFTKTRQSTYALSQWIMENAKFAEVGVKAHHLIGAGHSSEVKPMTQTEQKEVISKFRTGEINLLIATTVAEEGLDIKE
CNIVIRYGLVTNEIAMVQARGRARADESTYVLVTSSGSGVTEREIVNDFREKMKYKAINRVQNMKPEEYAHKILELQVQS
ILEKKMKVKRSIAKQYNDNPSLITLLCKNCSMLVCSGENIHVIEKMHHVNMTPEFKGLYIVRENKALQKKFADYQTNGEI
ICKCGQAWGTMMVHKGLDLPCLKIRNFVVNFKNNSPKKQYKKWVELPIRFPDLDYSEYCLYSDED
;
B
2 'polyribonucleotide' CAAGCCGAGGAGAU C
3 'polyribonucleotide' AUCUCCUCGGCUUG G
#
loop_
_chem_comp.id
_chem_comp.type
_chem_comp.name
_chem_comp.formula
A RNA linking ADENOSINE-5'-MONOPHOSPHATE 'C10 H14 N5 O7 P'
ADP non-polymer ADENOSINE-5'-DIPHOSPHATE 'C10 H15 N5 O10 P2'
ALF non-polymer 'TETRAFLUOROALUMINATE ION' 'Al F4 -1'
C RNA linking CYTIDINE-5'-MONOPHOSPHATE 'C9 H14 N3 O8 P'
G RNA linking GUANOSINE-5'-MONOPHOSPHATE 'C10 H14 N5 O8 P'
U RNA linking URIDINE-5'-MONOPHOSPHATE 'C9 H13 N2 O9 P'
ZN non-polymer 'ZINC ION' 'Zn 2'
#
# COMPACT_ATOMS: atom_id res chain seq x y z
N GLU A 306 -23.07 -13.18 27.02
CA GLU A 306 -22.53 -14.48 26.64
C GLU A 306 -21.05 -14.38 26.32
N LEU A 307 -20.40 -13.37 26.89
CA LEU A 307 -18.98 -13.15 26.63
C LEU A 307 -18.15 -14.23 27.28
N GLN A 308 -17.09 -14.63 26.59
CA GLN A 308 -16.23 -15.71 27.04
C GLN A 308 -14.78 -15.26 27.01
N LEU A 309 -13.95 -15.99 27.75
CA LEU A 309 -12.52 -15.71 27.80
C LEU A 309 -11.78 -17.01 28.00
N ARG A 310 -10.51 -17.00 27.65
CA ARG A 310 -9.63 -18.14 27.82
C ARG A 310 -8.54 -17.82 28.83
N PRO A 311 -7.89 -18.84 29.37
CA PRO A 311 -6.93 -18.60 30.46
C PRO A 311 -5.81 -17.66 30.05
N TYR A 312 -5.09 -18.04 29.00
CA TYR A 312 -3.97 -17.21 28.55
C TYR A 312 -4.43 -15.82 28.21
N GLN A 313 -5.63 -15.69 27.64
CA GLN A 313 -6.18 -14.38 27.36
C GLN A 313 -6.22 -13.54 28.63
N MET A 314 -6.81 -14.08 29.69
CA MET A 314 -6.88 -13.35 30.95
C MET A 314 -5.48 -13.03 31.45
N GLU A 315 -4.56 -13.98 31.32
CA GLU A 315 -3.22 -13.78 31.83
C GLU A 315 -2.55 -12.61 31.13
N VAL A 316 -2.61 -12.60 29.79
CA VAL A 316 -1.89 -11.60 29.02
C VAL A 316 -2.46 -10.22 29.29
N ALA A 317 -3.78 -10.13 29.41
CA ALA A 317 -4.42 -8.85 29.60
C ALA A 317 -4.44 -8.41 31.05
N GLN A 318 -4.10 -9.31 31.97
CA GLN A 318 -4.34 -9.04 33.39
C GLN A 318 -3.79 -7.70 33.83
N PRO A 319 -2.58 -7.30 33.43
CA PRO A 319 -2.13 -5.94 33.78
C PRO A 319 -3.08 -4.85 33.32
N ALA A 320 -3.44 -4.89 32.04
CA ALA A 320 -4.20 -3.79 31.47
C ALA A 320 -5.58 -3.68 32.09
N LEU A 321 -6.11 -4.79 32.62
CA LEU A 321 -7.38 -4.73 33.32
C LEU A 321 -7.41 -3.57 34.30
N ASP A 322 -6.25 -3.16 34.81
CA ASP A 322 -6.14 -1.97 35.64
C ASP A 322 -4.90 -1.21 35.22
N GLY A 323 -5.11 -0.04 34.64
CA GLY A 323 -3.98 0.78 34.25
C GLY A 323 -3.13 0.05 33.23
N LYS A 324 -1.83 0.35 33.27
CA LYS A 324 -0.83 -0.39 32.50
C LYS A 324 -1.12 -0.31 31.00
N ASN A 325 -0.96 0.91 30.48
CA ASN A 325 -1.06 1.10 29.04
C ASN A 325 0.05 0.32 28.36
N ILE A 326 -0.30 -0.80 27.72
CA ILE A 326 0.67 -1.80 27.32
C ILE A 326 0.36 -2.31 25.93
N ILE A 327 1.14 -3.31 25.53
CA ILE A 327 1.04 -4.01 24.26
C ILE A 327 0.74 -5.47 24.55
N ILE A 328 0.27 -6.16 23.53
CA ILE A 328 0.00 -7.58 23.57
C ILE A 328 0.53 -8.21 22.30
N CYS A 329 1.26 -9.31 22.44
CA CYS A 329 1.83 -10.02 21.31
C CYS A 329 1.44 -11.48 21.42
N LEU A 330 0.68 -11.97 20.44
CA LEU A 330 0.29 -13.36 20.38
C LEU A 330 0.15 -13.75 18.92
N PRO A 331 0.27 -15.04 18.62
CA PRO A 331 0.06 -15.49 17.24
C PRO A 331 -1.36 -15.22 16.78
N THR A 332 -1.56 -15.38 15.49
CA THR A 332 -2.83 -15.01 14.88
C THR A 332 -3.96 -15.91 15.37
N GLY A 333 -5.19 -15.42 15.18
CA GLY A 333 -6.37 -16.14 15.58
C GLY A 333 -6.26 -16.75 16.97
N SER A 334 -6.00 -15.90 17.96
CA SER A 334 -5.88 -16.36 19.34
C SER A 334 -6.86 -15.64 20.25
N GLY A 335 -7.85 -14.97 19.67
CA GLY A 335 -8.82 -14.22 20.45
C GLY A 335 -8.40 -12.81 20.76
N LYS A 336 -7.43 -12.27 20.04
CA LYS A 336 -7.01 -10.90 20.29
C LYS A 336 -8.21 -9.98 20.29
N THR A 337 -9.04 -10.10 19.27
CA THR A 337 -10.25 -9.30 19.20
C THR A 337 -11.11 -9.53 20.41
N ARG A 338 -11.27 -10.80 20.81
CA ARG A 338 -12.04 -11.10 22.00
C ARG A 338 -11.38 -10.50 23.22
N VAL A 339 -10.06 -10.54 23.29
CA VAL A 339 -9.35 -9.90 24.38
C VAL A 339 -9.73 -8.44 24.44
N ALA A 340 -9.68 -7.79 23.30
CA ALA A 340 -9.99 -6.38 23.24
C ALA A 340 -11.42 -6.13 23.70
N VAL A 341 -12.35 -6.97 23.24
CA VAL A 341 -13.74 -6.76 23.60
C VAL A 341 -13.92 -6.90 25.11
N TYR A 342 -13.31 -7.93 25.69
CA TYR A 342 -13.43 -8.10 27.14
C TYR A 342 -12.88 -6.89 27.84
N ILE A 343 -11.75 -6.37 27.36
CA ILE A 343 -11.14 -5.23 28.01
C ILE A 343 -12.02 -4.01 27.88
N THR A 344 -12.61 -3.82 26.70
CA THR A 344 -13.51 -2.69 26.52
C THR A 344 -14.64 -2.73 27.53
N LYS A 345 -15.32 -3.88 27.60
CA LYS A 345 -16.45 -4.00 28.50
C LYS A 345 -15.99 -3.77 29.95
N ASP A 346 -14.88 -4.39 30.33
CA ASP A 346 -14.41 -4.21 31.69
C ASP A 346 -14.07 -2.76 31.96
N HIS A 347 -13.40 -2.12 31.01
CA HIS A 347 -12.95 -0.75 31.22
C HIS A 347 -14.15 0.18 31.40
N LEU A 348 -15.17 0.03 30.55
CA LEU A 348 -16.33 0.90 30.68
C LEU A 348 -17.09 0.63 31.96
N ASP A 349 -17.27 -0.64 32.31
CA ASP A 349 -17.95 -0.96 33.55
C ASP A 349 -17.23 -0.32 34.71
N LYS A 350 -15.89 -0.35 34.68
CA LYS A 350 -15.11 0.27 35.72
C LYS A 350 -15.36 1.77 35.76
N LYS A 351 -15.44 2.41 34.60
CA LYS A 351 -15.70 3.84 34.58
C LYS A 351 -17.07 4.14 35.17
N LYS A 352 -18.07 3.34 34.83
CA LYS A 352 -19.41 3.57 35.34
C LYS A 352 -19.44 3.45 36.86
N GLN A 353 -18.82 2.38 37.39
CA GLN A 353 -18.77 2.21 38.83
C GLN A 353 -17.98 3.33 39.49
N ALA A 354 -17.12 4.01 38.74
CA ALA A 354 -16.36 5.13 39.24
C ALA A 354 -17.09 6.45 39.02
N SER A 355 -18.30 6.41 38.49
CA SER A 355 -19.04 7.62 38.17
C SER A 355 -18.26 8.51 37.20
N GLU A 356 -17.49 7.88 36.33
CA GLU A 356 -16.60 8.58 35.42
C GLU A 356 -16.93 8.23 33.98
N SER A 357 -16.77 9.21 33.10
CA SER A 357 -17.12 9.02 31.69
C SER A 357 -16.32 7.88 31.09
N GLY A 358 -17.00 7.03 30.34
CA GLY A 358 -16.36 5.95 29.64
C GLY A 358 -16.40 6.11 28.13
N LYS A 359 -15.26 6.43 27.54
CA LYS A 359 -15.14 6.55 26.10
C LYS A 359 -14.01 5.66 25.63
N VAL A 360 -14.27 4.90 24.56
CA VAL A 360 -13.29 4.04 23.95
C VAL A 360 -13.27 4.32 22.47
N ILE A 361 -12.17 3.91 21.84
CA ILE A 361 -12.02 4.08 20.42
C ILE A 361 -11.06 3.03 19.92
N VAL A 362 -11.31 2.58 18.71
CA VAL A 362 -10.53 1.53 18.08
C VAL A 362 -9.97 2.07 16.78
N LEU A 363 -8.79 1.62 16.42
CA LEU A 363 -8.09 2.10 15.25
C LEU A 363 -7.59 0.92 14.46
N VAL A 364 -7.91 0.91 13.20
CA VAL A 364 -7.48 -0.12 12.29
C VAL A 364 -6.93 0.54 11.06
N ASN A 365 -5.86 -0.04 10.54
CA ASN A 365 -5.23 0.51 9.36
C ASN A 365 -6.08 0.27 8.14
N LYS A 366 -6.61 -0.93 8.02
CA LYS A 366 -7.37 -1.32 6.86
C LYS A 366 -8.81 -0.92 7.05
N VAL A 367 -9.46 -0.60 5.94
CA VAL A 367 -10.85 -0.21 6.00
C VAL A 367 -11.73 -1.42 6.18
N MET A 368 -11.35 -2.54 5.58
CA MET A 368 -12.11 -3.76 5.71
C MET A 368 -12.22 -4.16 7.17
N LEU A 369 -11.16 -3.93 7.92
CA LEU A 369 -11.06 -4.46 9.27
C LEU A 369 -12.08 -3.82 10.19
N ALA A 370 -12.40 -2.55 9.99
CA ALA A 370 -13.37 -1.91 10.85
C ALA A 370 -14.70 -2.63 10.75
N GLU A 371 -15.12 -2.89 9.52
CA GLU A 371 -16.39 -3.58 9.32
C GLU A 371 -16.34 -4.98 9.91
N GLN A 372 -15.24 -5.68 9.71
CA GLN A 372 -15.11 -7.02 10.26
C GLN A 372 -15.29 -7.01 11.77
N LEU A 373 -14.54 -6.17 12.47
CA LEU A 373 -14.64 -6.14 13.92
C LEU A 373 -16.03 -5.75 14.37
N PHE A 374 -16.60 -4.72 13.77
CA PHE A 374 -17.93 -4.30 14.16
C PHE A 374 -18.94 -5.40 13.91
N ARG A 375 -18.83 -6.08 12.77
CA ARG A 375 -19.81 -7.12 12.44
C ARG A 375 -19.76 -8.24 13.45
N LYS A 376 -18.60 -8.85 13.63
CA LYS A 376 -18.53 -10.17 14.20
C LYS A 376 -18.19 -10.19 15.69
N GLU A 377 -17.47 -9.19 16.19
CA GLU A 377 -16.94 -9.28 17.55
C GLU A 377 -17.45 -8.19 18.47
N PHE A 378 -17.30 -6.92 18.12
CA PHE A 378 -17.61 -5.89 19.10
C PHE A 378 -19.12 -5.67 19.23
N ASN A 379 -19.77 -5.38 18.12
CA ASN A 379 -21.20 -5.06 18.18
C ASN A 379 -22.00 -6.19 18.80
N PRO A 380 -21.82 -7.45 18.41
CA PRO A 380 -22.61 -8.51 19.04
C PRO A 380 -22.58 -8.47 20.55
N TYR A 381 -21.41 -8.59 21.15
CA TYR A 381 -21.33 -8.76 22.59
C TYR A 381 -21.78 -7.51 23.32
N LEU A 382 -21.28 -6.34 22.93
CA LEU A 382 -21.49 -5.14 23.73
C LEU A 382 -22.65 -4.30 23.25
N LYS A 383 -23.41 -4.77 22.28
CA LYS A 383 -24.56 -4.02 21.80
C LYS A 383 -25.50 -3.66 22.94
N LYS A 384 -25.90 -4.66 23.73
CA LYS A 384 -26.91 -4.43 24.76
C LYS A 384 -26.41 -3.46 25.81
N TRP A 385 -25.16 -3.59 26.23
CA TRP A 385 -24.65 -2.80 27.34
C TRP A 385 -24.34 -1.37 26.95
N TYR A 386 -23.71 -1.16 25.79
CA TYR A 386 -23.26 0.16 25.41
C TYR A 386 -23.57 0.40 23.94
N ARG A 387 -23.66 1.67 23.58
CA ARG A 387 -23.83 2.03 22.18
C ARG A 387 -22.53 1.79 21.43
N ILE A 388 -22.67 1.31 20.20
CA ILE A 388 -21.53 0.99 19.36
C ILE A 388 -21.76 1.58 17.99
N ILE A 389 -20.67 1.84 17.27
CA ILE A 389 -20.78 2.39 15.94
C ILE A 389 -19.47 2.18 15.21
N GLY A 390 -19.57 2.05 13.89
CA GLY A 390 -18.44 1.74 13.06
C GLY A 390 -18.29 2.67 11.87
N LEU A 391 -17.09 3.22 11.69
CA LEU A 391 -16.84 4.23 10.68
C LEU A 391 -15.75 3.78 9.74
N SER A 392 -15.67 4.45 8.60
CA SER A 392 -14.67 4.17 7.58
C SER A 392 -14.85 5.19 6.48
N GLY A 393 -14.07 5.01 5.40
CA GLY A 393 -14.25 5.86 4.24
C GLY A 393 -15.56 5.59 3.53
N ASP A 394 -15.93 4.31 3.42
CA ASP A 394 -17.19 3.97 2.79
C ASP A 394 -18.36 4.61 3.51
N THR A 395 -18.30 4.65 4.83
CA THR A 395 -19.40 5.19 5.62
C THR A 395 -19.51 6.70 5.42
N GLN A 396 -20.70 7.21 5.67
CA GLN A 396 -21.00 8.63 5.58
C GLN A 396 -21.30 9.17 6.97
N LEU A 397 -20.41 10.02 7.48
CA LEU A 397 -20.53 10.60 8.80
C LEU A 397 -21.48 11.79 8.76
N LYS A 398 -22.70 11.50 8.32
CA LYS A 398 -23.68 12.56 8.18
C LYS A 398 -23.72 13.43 9.43
N ILE A 399 -23.46 12.85 10.60
CA ILE A 399 -23.44 13.65 11.81
C ILE A 399 -22.16 14.47 11.79
N SER A 400 -21.05 13.80 12.06
CA SER A 400 -19.69 14.30 11.91
C SER A 400 -18.86 13.33 12.72
N PHE A 401 -17.55 13.47 12.74
CA PHE A 401 -16.82 12.71 13.73
C PHE A 401 -16.98 13.29 15.13
N PRO A 402 -16.63 14.56 15.33
CA PRO A 402 -16.51 15.07 16.70
C PRO A 402 -17.77 14.87 17.51
N GLU A 403 -18.93 14.94 16.87
CA GLU A 403 -20.17 14.79 17.59
C GLU A 403 -20.36 13.35 18.06
N VAL A 404 -20.14 12.40 17.17
CA VAL A 404 -20.34 11.01 17.54
C VAL A 404 -19.36 10.61 18.61
N VAL A 405 -18.22 11.30 18.68
CA VAL A 405 -17.28 11.05 19.76
C VAL A 405 -17.98 11.05 21.10
N LYS A 406 -19.02 11.87 21.24
CA LYS A 406 -19.75 11.99 22.49
C LYS A 406 -21.17 11.49 22.36
N SER A 407 -21.43 10.63 21.38
CA SER A 407 -22.75 10.07 21.19
C SER A 407 -22.79 8.57 21.45
N TYR A 408 -21.98 7.79 20.75
CA TYR A 408 -22.14 6.34 20.77
C TYR A 408 -21.28 5.66 21.82
N ASP A 409 -20.28 6.35 22.37
CA ASP A 409 -19.57 5.89 23.56
C ASP A 409 -18.69 4.68 23.29
N VAL A 410 -18.78 4.11 22.09
CA VAL A 410 -17.86 3.06 21.66
C VAL A 410 -17.57 3.25 20.20
N ILE A 411 -16.46 3.86 19.89
CA ILE A 411 -16.14 4.21 18.51
C ILE A 411 -15.23 3.17 17.92
N ILE A 412 -15.48 2.86 16.66
CA ILE A 412 -14.57 2.11 15.83
C ILE A 412 -14.34 2.92 14.58
N SER A 413 -13.07 3.13 14.24
CA SER A 413 -12.76 4.06 13.18
C SER A 413 -11.45 3.68 12.53
N THR A 414 -11.33 4.07 11.27
CA THR A 414 -10.05 4.08 10.62
C THR A 414 -9.22 5.24 11.14
N ALA A 415 -7.91 5.07 11.06
CA ALA A 415 -7.00 5.98 11.75
C ALA A 415 -7.07 7.39 11.19
N GLN A 416 -6.90 7.50 9.87
CA GLN A 416 -6.75 8.81 9.29
C GLN A 416 -7.95 9.68 9.56
N ILE A 417 -9.09 9.09 9.87
CA ILE A 417 -10.26 9.86 10.26
C ILE A 417 -9.97 10.62 11.53
N LEU A 418 -9.55 9.90 12.57
CA LEU A 418 -9.24 10.54 13.83
C LEU A 418 -8.21 11.62 13.61
N GLU A 419 -7.13 11.27 12.91
CA GLU A 419 -6.09 12.27 12.68
C GLU A 419 -6.63 13.47 11.96
N ASN A 420 -7.48 13.26 10.95
CA ASN A 420 -8.03 14.39 10.23
C ASN A 420 -8.79 15.30 11.17
N SER A 421 -9.57 14.72 12.07
CA SER A 421 -10.32 15.54 13.00
C SER A 421 -9.38 16.35 13.88
N LEU A 422 -8.34 15.69 14.39
CA LEU A 422 -7.39 16.41 15.24
C LEU A 422 -6.73 17.53 14.48
N LEU A 423 -6.34 17.26 13.25
CA LEU A 423 -5.68 18.25 12.43
C LEU A 423 -6.59 19.43 12.16
N ASN A 424 -7.88 19.17 11.92
CA ASN A 424 -8.83 20.24 11.75
C ASN A 424 -8.94 21.08 13.01
N LEU A 425 -9.01 20.41 14.16
CA LEU A 425 -9.03 21.13 15.42
C LEU A 425 -7.85 22.07 15.52
N GLU A 426 -6.67 21.59 15.14
CA GLU A 426 -5.48 22.42 15.17
C GLU A 426 -5.67 23.62 14.25
N SER A 427 -6.21 23.39 13.06
CA SER A 427 -6.49 24.47 12.14
C SER A 427 -7.61 25.36 12.65
N GLY A 428 -8.49 24.83 13.51
CA GLY A 428 -9.65 25.56 13.97
C GLY A 428 -10.78 25.61 12.98
N ASP A 429 -10.59 25.08 11.77
CA ASP A 429 -11.66 25.10 10.78
C ASP A 429 -12.89 24.37 11.29
N ASP A 430 -12.69 23.26 11.99
CA ASP A 430 -13.76 22.49 12.60
C ASP A 430 -13.51 22.37 14.09
N ASP A 431 -14.58 22.14 14.84
CA ASP A 431 -14.43 21.90 16.27
C ASP A 431 -13.43 20.78 16.51
N GLY A 432 -13.51 19.72 15.73
CA GLY A 432 -12.53 18.69 15.91
C GLY A 432 -12.63 18.01 17.25
N VAL A 433 -11.53 17.36 17.64
CA VAL A 433 -11.51 16.46 18.77
C VAL A 433 -10.11 16.42 19.37
N GLN A 434 -10.05 16.09 20.65
CA GLN A 434 -8.80 15.98 21.38
C GLN A 434 -8.71 14.64 22.09
N LEU A 435 -7.47 14.24 22.38
CA LEU A 435 -7.24 12.96 23.01
C LEU A 435 -7.97 12.88 24.34
N SER A 436 -8.04 14.00 25.05
CA SER A 436 -8.71 14.01 26.34
C SER A 436 -10.11 13.45 26.22
N ASP A 437 -10.77 13.70 25.09
CA ASP A 437 -12.15 13.28 24.94
C ASP A 437 -12.29 11.78 25.16
N PHE A 438 -11.28 11.02 24.77
CA PHE A 438 -11.29 9.59 24.97
C PHE A 438 -10.69 9.23 26.32
N SER A 439 -11.05 8.03 26.80
CA SER A 439 -10.47 7.46 27.99
C SER A 439 -9.57 6.29 27.72
N LEU A 440 -9.73 5.62 26.58
CA LEU A 440 -8.97 4.41 26.31
C LEU A 440 -8.84 4.28 24.80
N ILE A 441 -7.61 4.36 24.31
CA ILE A 441 -7.31 4.28 22.90
C ILE A 441 -6.75 2.91 22.61
N ILE A 442 -7.40 2.18 21.73
CA ILE A 442 -6.98 0.84 21.38
C ILE A 442 -6.51 0.83 19.94
N ILE A 443 -5.60 -0.09 19.66
CA ILE A 443 -4.94 -0.18 18.37
C ILE A 443 -4.86 -1.63 17.95
N ASP A 444 -4.81 -1.83 16.65
CA ASP A 444 -4.46 -3.11 16.06
C ASP A 444 -3.23 -2.94 15.20
N GLU A 445 -2.55 -4.05 14.96
CA GLU A 445 -1.42 -4.07 14.05
C GLU A 445 -0.40 -3.00 14.42
N CYS A 446 -0.09 -2.93 15.72
CA CYS A 446 0.78 -1.90 16.22
C CYS A 446 2.08 -1.81 15.44
N HIS A 447 2.46 -2.89 14.77
CA HIS A 447 3.75 -2.93 14.11
C HIS A 447 3.92 -1.80 13.12
N HIS A 448 2.81 -1.28 12.60
CA HIS A 448 2.92 -0.18 11.65
C HIS A 448 3.53 1.03 12.29
N THR A 449 3.61 1.06 13.60
CA THR A 449 3.94 2.32 14.24
C THR A 449 5.39 2.64 13.96
N ASN A 450 5.63 3.33 12.85
CA ASN A 450 6.99 3.59 12.40
C ASN A 450 7.21 5.06 12.10
N LYS A 451 8.33 5.33 11.43
CA LYS A 451 8.92 6.65 11.43
C LYS A 451 7.91 7.74 11.11
N GLU A 452 7.09 7.52 10.09
CA GLU A 452 6.08 8.50 9.71
C GLU A 452 4.75 7.82 9.46
N ALA A 453 4.49 6.74 10.16
CA ALA A 453 3.22 6.07 9.96
C ALA A 453 2.11 6.85 10.63
N VAL A 454 0.89 6.49 10.27
CA VAL A 454 -0.28 7.21 10.76
C VAL A 454 -0.32 7.14 12.27
N TYR A 455 -0.53 5.92 12.78
CA TYR A 455 -0.49 5.68 14.21
C TYR A 455 0.56 6.54 14.88
N ASN A 456 1.76 6.55 14.31
CA ASN A 456 2.85 7.24 14.96
C ASN A 456 2.61 8.73 15.02
N ASN A 457 1.91 9.30 14.04
CA ASN A 457 1.57 10.70 14.15
C ASN A 457 0.73 10.92 15.40
N ILE A 458 -0.27 10.07 15.58
CA ILE A 458 -1.13 10.23 16.75
C ILE A 458 -0.30 10.09 18.02
N MET A 459 0.43 8.99 18.11
CA MET A 459 1.22 8.75 19.30
C MET A 459 2.20 9.86 19.56
N ARG A 460 2.70 10.50 18.51
CA ARG A 460 3.62 11.59 18.74
C ARG A 460 2.91 12.71 19.47
N ARG A 461 1.66 12.97 19.14
CA ARG A 461 0.90 13.94 19.92
C ARG A 461 0.74 13.47 21.35
N TYR A 462 0.37 12.21 21.54
CA TYR A 462 0.16 11.70 22.87
C TYR A 462 1.42 11.80 23.69
N LEU A 463 2.56 11.47 23.10
CA LEU A 463 3.81 11.50 23.81
C LEU A 463 4.17 12.92 24.19
N LYS A 464 3.95 13.86 23.29
CA LYS A 464 4.21 15.25 23.61
C LYS A 464 3.43 15.65 24.85
N GLN A 465 2.16 15.29 24.89
CA GLN A 465 1.34 15.65 26.04
C GLN A 465 1.87 15.01 27.30
N LYS A 466 2.30 13.75 27.21
CA LYS A 466 2.84 13.09 28.39
C LYS A 466 4.07 13.80 28.90
N LEU A 467 4.93 14.24 27.98
CA LEU A 467 6.10 15.00 28.40
C LEU A 467 5.67 16.28 29.11
N ARG A 468 4.66 16.96 28.59
CA ARG A 468 4.16 18.16 29.27
C ARG A 468 3.65 17.83 30.66
N ASN A 469 2.91 16.74 30.79
CA ASN A 469 2.42 16.35 32.10
C ASN A 469 3.57 16.04 33.05
N ASN A 470 4.60 15.40 32.53
CA ASN A 470 5.76 15.10 33.35
C ASN A 470 6.47 16.38 33.77
N ASP A 471 6.51 17.37 32.88
CA ASP A 471 7.06 18.67 33.25
C ASP A 471 6.26 19.31 34.36
N LEU A 472 4.92 19.28 34.25
CA LEU A 472 4.08 19.83 35.30
C LEU A 472 4.32 19.10 36.61
N LYS A 473 4.57 17.80 36.53
CA LYS A 473 4.73 16.99 37.74
C LYS A 473 5.66 17.65 38.74
N LYS A 474 6.75 18.25 38.27
CA LYS A 474 7.72 18.90 39.13
C LYS A 474 7.54 20.41 39.18
N GLN A 475 6.56 20.96 38.48
CA GLN A 475 6.32 22.40 38.47
C GLN A 475 4.99 22.76 39.11
N ASN A 476 3.90 22.16 38.66
CA ASN A 476 2.58 22.48 39.16
C ASN A 476 1.75 21.21 39.27
N LYS A 477 0.95 21.14 40.32
CA LYS A 477 0.05 20.01 40.50
C LYS A 477 -0.91 19.83 39.34
N PRO A 478 -1.52 20.88 38.76
CA PRO A 478 -2.49 20.65 37.69
C PRO A 478 -1.87 19.91 36.51
N ALA A 479 -2.66 19.04 35.91
CA ALA A 479 -2.19 18.22 34.80
C ALA A 479 -3.38 17.90 33.89
N ILE A 480 -3.07 17.49 32.68
CA ILE A 480 -4.08 17.14 31.69
C ILE A 480 -4.16 15.62 31.61
N PRO A 481 -5.34 15.03 31.60
CA PRO A 481 -5.43 13.56 31.57
C PRO A 481 -4.90 13.00 30.28
N LEU A 482 -4.36 11.79 30.38
CA LEU A 482 -3.93 11.03 29.23
C LEU A 482 -4.67 9.71 29.18
N PRO A 483 -5.29 9.38 28.05
CA PRO A 483 -6.01 8.12 27.95
C PRO A 483 -5.06 6.95 28.05
N GLN A 484 -5.57 5.87 28.61
CA GLN A 484 -4.82 4.63 28.59
C GLN A 484 -4.73 4.11 27.17
N ILE A 485 -3.55 3.65 26.80
CA ILE A 485 -3.29 3.16 25.46
C ILE A 485 -3.05 1.66 25.53
N LEU A 486 -3.67 0.94 24.62
CA LEU A 486 -3.54 -0.49 24.50
C LEU A 486 -3.03 -0.82 23.11
N GLY A 487 -2.31 -1.93 23.03
CA GLY A 487 -1.74 -2.35 21.77
C GLY A 487 -2.02 -3.83 21.53
N LEU A 488 -2.25 -4.15 20.27
CA LEU A 488 -2.60 -5.49 19.88
C LEU A 488 -1.92 -5.80 18.55
N THR A 489 -1.11 -6.85 18.54
CA THR A 489 -0.41 -7.24 17.34
C THR A 489 -0.03 -8.71 17.45
N ALA A 490 0.66 -9.19 16.43
CA ALA A 490 1.24 -10.53 16.43
C ALA A 490 2.76 -10.46 16.33
N SER A 491 3.26 -9.77 15.33
CA SER A 491 4.70 -9.61 15.13
C SER A 491 5.05 -8.14 15.22
N PRO A 492 5.61 -7.67 16.32
CA PRO A 492 6.07 -6.29 16.35
C PRO A 492 7.10 -6.04 15.28
N GLY A 493 7.74 -7.08 14.77
CA GLY A 493 8.57 -6.97 13.59
C GLY A 493 9.89 -6.31 13.85
N VAL A 494 10.78 -6.33 12.86
CA VAL A 494 12.10 -5.75 13.00
C VAL A 494 12.42 -4.90 11.79
N GLY A 495 13.26 -3.90 12.02
CA GLY A 495 13.70 -3.04 10.95
C GLY A 495 14.89 -3.59 10.22
N ALA A 496 14.75 -4.81 9.70
CA ALA A 496 15.76 -5.42 8.85
C ALA A 496 17.14 -5.35 9.52
N ALA A 497 17.21 -5.85 10.74
CA ALA A 497 18.43 -5.78 11.52
C ALA A 497 19.17 -7.11 11.45
N LYS A 498 20.37 -7.07 10.88
CA LYS A 498 21.22 -8.25 10.87
C LYS A 498 21.55 -8.70 12.30
N LYS A 499 21.78 -7.74 13.19
CA LYS A 499 22.06 -8.04 14.59
C LYS A 499 20.77 -8.13 15.37
N GLN A 500 20.79 -8.94 16.43
CA GLN A 500 19.65 -9.01 17.32
C GLN A 500 19.65 -7.87 18.32
N SER A 501 20.81 -7.30 18.62
CA SER A 501 20.83 -6.11 19.45
C SER A 501 20.08 -4.98 18.77
N GLU A 502 20.32 -4.80 17.48
CA GLU A 502 19.55 -3.81 16.73
C GLU A 502 18.08 -4.13 16.79
N ALA A 503 17.71 -5.40 16.68
CA ALA A 503 16.31 -5.76 16.73
C ALA A 503 15.69 -5.42 18.07
N GLU A 504 16.37 -5.73 19.16
CA GLU A 504 15.79 -5.40 20.45
C GLU A 504 15.65 -3.90 20.58
N LYS A 505 16.59 -3.16 20.00
CA LYS A 505 16.45 -1.71 19.97
C LYS A 505 15.21 -1.31 19.20
N HIS A 506 14.95 -1.98 18.07
CA HIS A 506 13.76 -1.70 17.30
C HIS A 506 12.52 -1.91 18.15
N ILE A 507 12.49 -3.02 18.87
CA ILE A 507 11.36 -3.33 19.73
C ILE A 507 11.15 -2.21 20.73
N LEU A 508 12.23 -1.84 21.42
CA LEU A 508 12.14 -0.79 22.41
C LEU A 508 11.62 0.49 21.78
N ASN A 509 11.99 0.74 20.53
CA ASN A 509 11.50 1.93 19.85
C ASN A 509 10.00 1.85 19.66
N ILE A 510 9.52 0.66 19.29
CA ILE A 510 8.08 0.46 19.16
C ILE A 510 7.38 0.74 20.46
N CYS A 511 7.86 0.12 21.53
CA CYS A 511 7.22 0.27 22.82
C CYS A 511 7.16 1.74 23.21
N ALA A 512 8.26 2.46 22.99
CA ALA A 512 8.27 3.87 23.33
C ALA A 512 7.29 4.63 22.48
N ASN A 513 7.12 4.23 21.23
CA ASN A 513 6.12 4.86 20.39
C ASN A 513 4.72 4.54 20.85
N LEU A 514 4.57 3.62 21.81
CA LEU A 514 3.26 3.25 22.31
C LEU A 514 3.11 3.34 23.82
N ASP A 515 4.12 3.83 24.53
CA ASP A 515 4.02 3.92 25.98
C ASP A 515 3.65 2.56 26.56
N ALA A 516 4.48 1.56 26.22
CA ALA A 516 4.08 0.18 26.41
C ALA A 516 4.17 -0.23 27.87
N PHE A 517 5.35 -0.06 28.46
CA PHE A 517 5.72 -0.51 29.78
C PHE A 517 5.94 -2.01 29.83
N THR A 518 5.52 -2.71 28.77
CA THR A 518 5.77 -4.13 28.60
C THR A 518 5.20 -4.64 27.29
N ILE A 519 5.75 -5.75 26.84
CA ILE A 519 5.16 -6.54 25.77
C ILE A 519 4.17 -7.53 26.34
N LYS A 520 4.55 -8.23 27.40
CA LYS A 520 3.63 -9.05 28.18
C LYS A 520 3.00 -10.16 27.33
N THR A 521 3.86 -11.08 26.90
CA THR A 521 3.42 -12.33 26.29
C THR A 521 3.15 -13.39 27.37
N VAL A 522 2.53 -14.50 26.94
CA VAL A 522 2.12 -15.55 27.87
C VAL A 522 3.21 -16.60 27.98
N LYS A 523 3.31 -17.17 29.16
CA LYS A 523 4.28 -18.21 29.51
C LYS A 523 3.64 -19.45 30.11
N GLU A 524 2.65 -19.29 30.99
CA GLU A 524 2.17 -20.42 31.78
C GLU A 524 1.23 -21.31 30.98
N ASN A 525 0.13 -20.76 30.49
CA ASN A 525 -0.75 -21.50 29.61
C ASN A 525 -0.16 -21.68 28.22
N LEU A 526 1.13 -21.38 28.07
CA LEU A 526 1.75 -21.37 26.75
C LEU A 526 1.60 -22.71 26.06
N GLY A 527 1.69 -23.79 26.82
CA GLY A 527 1.53 -25.11 26.22
C GLY A 527 0.14 -25.33 25.69
N GLN A 528 -0.88 -24.89 26.44
CA GLN A 528 -2.25 -25.02 25.96
C GLN A 528 -2.39 -24.37 24.60
N LEU A 529 -1.77 -23.21 24.42
CA LEU A 529 -1.84 -22.51 23.14
C LEU A 529 -1.12 -23.30 22.06
N LYS A 530 0.11 -23.73 22.34
CA LYS A 530 0.84 -24.51 21.36
C LYS A 530 0.01 -25.69 20.88
N HIS A 531 -0.70 -26.34 21.79
CA HIS A 531 -1.64 -27.38 21.39
C HIS A 531 -2.78 -26.79 20.56
N GLN A 532 -3.33 -25.66 21.01
CA GLN A 532 -4.52 -25.10 20.37
C GLN A 532 -4.23 -24.74 18.92
N ILE A 533 -3.08 -24.13 18.67
CA ILE A 533 -2.77 -23.52 17.38
C ILE A 533 -1.75 -24.39 16.67
N LYS A 534 -1.98 -24.61 15.38
CA LYS A 534 -1.14 -25.48 14.57
C LYS A 534 -0.45 -24.67 13.50
N GLU A 535 0.84 -24.92 13.32
CA GLU A 535 1.57 -24.20 12.30
C GLU A 535 1.55 -24.97 10.99
N PRO A 536 1.34 -24.30 9.85
CA PRO A 536 1.39 -25.01 8.57
C PRO A 536 2.79 -25.53 8.30
N CYS A 537 2.85 -26.65 7.58
CA CYS A 537 4.13 -27.21 7.20
C CYS A 537 4.74 -26.37 6.09
N LYS A 538 6.00 -25.97 6.29
CA LYS A 538 6.70 -25.18 5.28
C LYS A 538 7.05 -26.04 4.08
N LYS A 539 6.98 -25.42 2.90
CA LYS A 539 7.25 -26.10 1.64
C LYS A 539 7.94 -25.14 0.70
N PHE A 540 9.11 -25.54 0.19
CA PHE A 540 9.84 -24.79 -0.81
C PHE A 540 9.57 -25.39 -2.18
N VAL A 541 9.27 -24.53 -3.15
CA VAL A 541 9.07 -24.92 -4.54
C VAL A 541 9.96 -24.06 -5.41
N ILE A 542 10.71 -24.71 -6.30
CA ILE A 542 11.70 -24.03 -7.12
C ILE A 542 11.55 -24.52 -8.55
N ALA A 543 11.49 -23.58 -9.49
CA ALA A 543 11.40 -23.89 -10.90
C ALA A 543 12.33 -22.96 -11.65
N ASP A 544 13.14 -23.51 -12.54
CA ASP A 544 14.10 -22.75 -13.32
C ASP A 544 13.61 -22.60 -14.74
N ASP A 545 13.77 -21.40 -15.30
CA ASP A 545 13.25 -21.08 -16.63
C ASP A 545 14.29 -21.43 -17.70
N THR A 546 14.62 -22.73 -17.75
CA THR A 546 15.53 -23.21 -18.79
C THR A 546 14.88 -23.11 -20.17
N ARG A 547 13.58 -23.33 -20.25
CA ARG A 547 12.82 -23.21 -21.48
C ARG A 547 12.46 -21.74 -21.72
N GLU A 548 11.58 -21.48 -22.69
CA GLU A 548 11.15 -20.15 -23.13
C GLU A 548 12.24 -19.43 -23.90
N ASN A 549 13.39 -20.07 -24.12
CA ASN A 549 14.45 -19.48 -24.92
C ASN A 549 13.97 -18.95 -26.26
N PRO A 550 13.18 -19.70 -27.04
CA PRO A 550 12.84 -19.23 -28.39
C PRO A 550 12.27 -17.82 -28.38
N PHE A 551 11.12 -17.69 -27.72
CA PHE A 551 10.37 -16.45 -27.79
C PHE A 551 11.13 -15.31 -27.13
N LYS A 552 11.57 -15.53 -25.90
CA LYS A 552 12.22 -14.46 -25.17
C LYS A 552 13.46 -13.99 -25.89
N GLU A 553 14.22 -14.93 -26.45
CA GLU A 553 15.46 -14.55 -27.11
C GLU A 553 15.20 -13.74 -28.37
N LYS A 554 14.12 -14.03 -29.10
CA LYS A 554 13.77 -13.18 -30.22
C LYS A 554 13.61 -11.74 -29.76
N LEU A 555 12.88 -11.56 -28.67
CA LEU A 555 12.66 -10.21 -28.14
C LEU A 555 13.96 -9.59 -27.68
N LEU A 556 14.80 -10.36 -27.01
CA LEU A 556 16.08 -9.83 -26.54
C LEU A 556 16.91 -9.34 -27.71
N GLU A 557 16.89 -10.07 -28.82
CA GLU A 557 17.61 -9.63 -30.00
C GLU A 557 17.07 -8.29 -30.49
N ILE A 558 15.75 -8.13 -30.46
CA ILE A 558 15.17 -6.85 -30.83
C ILE A 558 15.72 -5.75 -29.94
N MET A 559 15.79 -6.02 -28.64
CA MET A 559 16.32 -5.05 -27.70
C MET A 559 17.74 -4.65 -28.08
N ALA A 560 18.58 -5.64 -28.39
CA ALA A 560 19.95 -5.34 -28.76
C ALA A 560 20.00 -4.50 -30.01
N SER A 561 19.17 -4.86 -31.01
CA SER A 561 19.09 -4.06 -32.22
C SER A 561 18.83 -2.60 -31.88
N ILE A 562 17.95 -2.36 -30.90
CA ILE A 562 17.56 -1.00 -30.58
C ILE A 562 18.67 -0.29 -29.83
N GLN A 563 19.23 -0.92 -28.80
CA GLN A 563 20.30 -0.28 -28.06
C GLN A 563 21.42 0.12 -28.99
N THR A 564 21.69 -0.69 -30.01
CA THR A 564 22.61 -0.28 -31.07
C THR A 564 21.99 0.86 -31.88
N TYR A 565 20.68 0.80 -32.12
CA TYR A 565 20.03 1.81 -32.92
C TYR A 565 20.18 3.19 -32.31
N CYS A 566 20.44 3.28 -31.01
CA CYS A 566 20.67 4.59 -30.41
C CYS A 566 21.79 4.54 -29.38
N GLN A 567 22.76 3.64 -29.57
CA GLN A 567 24.01 3.68 -28.82
C GLN A 567 23.77 3.50 -27.33
N LYS A 568 22.75 2.74 -26.98
CA LYS A 568 22.36 2.61 -25.59
C LYS A 568 23.24 1.57 -24.91
N SER A 569 24.10 2.03 -24.01
CA SER A 569 24.96 1.16 -23.23
C SER A 569 24.23 0.73 -21.98
N PRO A 570 23.85 -0.54 -21.84
CA PRO A 570 23.11 -0.93 -20.64
C PRO A 570 23.93 -0.82 -19.37
N MET A 571 25.19 -1.23 -19.41
CA MET A 571 26.02 -1.36 -18.22
C MET A 571 25.41 -2.35 -17.24
N SER A 572 24.55 -3.24 -17.72
CA SER A 572 23.87 -4.22 -16.89
C SER A 572 23.11 -5.17 -17.79
N ASP A 573 22.44 -6.14 -17.19
CA ASP A 573 21.74 -7.18 -17.91
C ASP A 573 20.32 -6.76 -18.25
N PHE A 574 19.63 -7.65 -18.96
CA PHE A 574 18.23 -7.48 -19.29
C PHE A 574 17.38 -8.35 -18.38
N GLY A 575 16.29 -7.78 -17.87
CA GLY A 575 15.38 -8.52 -17.01
C GLY A 575 15.54 -8.16 -15.56
N THR A 576 15.68 -6.87 -15.27
CA THR A 576 15.90 -6.41 -13.92
C THR A 576 15.30 -5.02 -13.76
N GLN A 577 15.71 -4.35 -12.69
CA GLN A 577 15.32 -2.98 -12.40
C GLN A 577 16.42 -2.00 -12.79
N HIS A 578 17.68 -2.41 -12.61
CA HIS A 578 18.80 -1.58 -13.00
C HIS A 578 18.59 -1.06 -14.41
N TYR A 579 18.27 -1.97 -15.33
CA TYR A 579 18.06 -1.57 -16.71
C TYR A 579 16.93 -0.57 -16.82
N GLU A 580 15.83 -0.84 -16.11
CA GLU A 580 14.71 0.08 -16.12
C GLU A 580 15.13 1.44 -15.61
N GLN A 581 15.89 1.46 -14.53
CA GLN A 581 16.22 2.73 -13.91
C GLN A 581 17.16 3.55 -14.78
N TRP A 582 18.13 2.90 -15.40
CA TRP A 582 18.98 3.64 -16.33
C TRP A 582 18.17 4.15 -17.51
N ALA A 583 17.16 3.39 -17.93
CA ALA A 583 16.30 3.87 -19.00
C ALA A 583 15.61 5.15 -18.60
N ILE A 584 15.15 5.20 -17.35
CA ILE A 584 14.47 6.39 -16.86
C ILE A 584 15.45 7.55 -16.73
N GLN A 585 16.66 7.28 -16.27
CA GLN A 585 17.66 8.34 -16.21
C GLN A 585 18.00 8.85 -17.59
N MET A 586 18.01 7.97 -18.59
CA MET A 586 18.18 8.41 -19.96
C MET A 586 17.04 9.33 -20.36
N GLU A 587 15.81 8.98 -19.99
CA GLU A 587 14.67 9.84 -20.25
C GLU A 587 14.87 11.21 -19.61
N LYS A 588 15.33 11.21 -18.36
CA LYS A 588 15.61 12.47 -17.66
C LYS A 588 16.62 13.30 -18.44
N LYS A 589 17.72 12.68 -18.86
CA LYS A 589 18.76 13.41 -19.55
C LYS A 589 18.22 13.99 -20.86
N ALA A 590 17.44 13.20 -21.59
CA ALA A 590 16.95 13.65 -22.89
C ALA A 590 15.97 14.80 -22.76
N ALA A 591 15.16 14.79 -21.71
CA ALA A 591 14.29 15.92 -21.45
C ALA A 591 15.10 17.14 -21.05
N LYS A 592 16.16 16.95 -20.26
CA LYS A 592 17.09 18.04 -20.01
C LYS A 592 17.73 18.51 -21.32
N ASP A 593 17.76 17.64 -22.32
CA ASP A 593 18.24 17.99 -23.65
C ASP A 593 17.12 18.39 -24.59
N GLY A 594 15.89 18.00 -24.29
CA GLY A 594 14.83 18.19 -25.25
C GLY A 594 15.04 17.42 -26.52
N ASN A 595 15.89 16.40 -26.49
CA ASN A 595 16.25 15.64 -27.67
C ASN A 595 15.42 14.38 -27.77
N ARG A 596 15.12 14.00 -29.01
CA ARG A 596 14.39 12.78 -29.28
C ARG A 596 15.35 11.62 -29.47
N LYS A 597 14.80 10.44 -29.75
CA LYS A 597 15.59 9.23 -29.99
C LYS A 597 16.36 8.81 -28.76
N ASP A 598 16.23 9.55 -27.67
CA ASP A 598 16.97 9.29 -26.44
C ASP A 598 16.02 8.94 -25.30
N ARG A 599 15.09 9.82 -24.98
CA ARG A 599 14.07 9.47 -24.00
C ARG A 599 13.02 8.55 -24.60
N VAL A 600 12.65 8.76 -25.86
CA VAL A 600 11.61 7.93 -26.47
C VAL A 600 12.11 6.51 -26.63
N CYS A 601 13.31 6.34 -27.17
CA CYS A 601 13.86 5.02 -27.33
C CYS A 601 14.10 4.36 -25.97
N ALA A 602 14.55 5.15 -25.00
CA ALA A 602 14.72 4.63 -23.66
C ALA A 602 13.40 4.13 -23.11
N GLU A 603 12.33 4.87 -23.35
CA GLU A 603 11.03 4.48 -22.83
C GLU A 603 10.54 3.19 -23.49
N HIS A 604 10.73 3.08 -24.80
CA HIS A 604 10.32 1.86 -25.48
C HIS A 604 11.11 0.67 -24.96
N LEU A 605 12.42 0.86 -24.76
CA LEU A 605 13.23 -0.21 -24.20
C LEU A 605 12.73 -0.57 -22.81
N ARG A 606 12.32 0.43 -22.03
CA ARG A 606 11.79 0.17 -20.71
C ARG A 606 10.53 -0.68 -20.80
N LYS A 607 9.68 -0.38 -21.77
CA LYS A 607 8.48 -1.19 -21.96
C LYS A 607 8.87 -2.63 -22.28
N TYR A 608 9.87 -2.80 -23.14
CA TYR A 608 10.31 -4.14 -23.49
C TYR A 608 10.86 -4.87 -22.27
N ASN A 609 11.66 -4.18 -21.46
CA ASN A 609 12.21 -4.82 -20.27
C ASN A 609 11.10 -5.24 -19.32
N GLU A 610 10.07 -4.40 -19.19
CA GLU A 610 8.94 -4.77 -18.36
C GLU A 610 8.28 -6.03 -18.91
N ALA A 611 8.14 -6.10 -20.22
CA ALA A 611 7.57 -7.31 -20.82
C ALA A 611 8.41 -8.52 -20.47
N LEU A 612 9.72 -8.38 -20.54
CA LEU A 612 10.59 -9.49 -20.19
C LEU A 612 10.44 -9.87 -18.73
N GLN A 613 10.36 -8.88 -17.85
CA GLN A 613 10.35 -9.19 -16.44
C GLN A 613 9.04 -9.86 -16.05
N ILE A 614 7.95 -9.55 -16.75
CA ILE A 614 6.73 -10.31 -16.51
C ILE A 614 6.88 -11.70 -17.10
N ASN A 615 7.56 -11.82 -18.24
CA ASN A 615 7.79 -13.13 -18.81
C ASN A 615 8.50 -14.03 -17.82
N ASP A 616 9.31 -13.46 -16.94
CA ASP A 616 10.04 -14.26 -15.98
C ASP A 616 9.10 -15.08 -15.11
N THR A 617 7.86 -14.63 -14.95
CA THR A 617 6.91 -15.28 -14.08
C THR A 617 5.56 -15.50 -14.74
N ILE A 618 5.38 -15.06 -15.98
CA ILE A 618 4.07 -15.00 -16.59
C ILE A 618 4.12 -15.56 -18.01
N ARG A 619 2.97 -16.04 -18.46
CA ARG A 619 2.84 -16.51 -19.84
C ARG A 619 3.14 -15.37 -20.80
N MET A 620 3.90 -15.68 -21.85
CA MET A 620 4.37 -14.65 -22.76
C MET A 620 3.21 -13.99 -23.50
N ILE A 621 2.09 -14.69 -23.63
CA ILE A 621 0.93 -14.13 -24.31
C ILE A 621 0.52 -12.83 -23.66
N ASP A 622 0.60 -12.78 -22.33
CA ASP A 622 0.22 -11.58 -21.62
C ASP A 622 1.13 -10.41 -22.00
N ALA A 623 2.42 -10.64 -22.12
CA ALA A 623 3.33 -9.58 -22.53
C ALA A 623 3.02 -9.12 -23.95
N TYR A 624 2.72 -10.07 -24.82
CA TYR A 624 2.34 -9.71 -26.19
C TYR A 624 1.09 -8.87 -26.21
N SER A 625 0.10 -9.24 -25.41
CA SER A 625 -1.09 -8.41 -25.28
C SER A 625 -0.74 -7.05 -24.72
N HIS A 626 0.12 -7.01 -23.72
CA HIS A 626 0.59 -5.77 -23.14
C HIS A 626 1.06 -4.83 -24.24
N LEU A 627 2.08 -5.27 -24.98
CA LEU A 627 2.69 -4.41 -25.98
C LEU A 627 1.78 -4.21 -27.18
N GLU A 628 0.90 -5.18 -27.45
CA GLU A 628 -0.05 -5.01 -28.54
C GLU A 628 -0.97 -3.84 -28.27
N THR A 629 -1.53 -3.79 -27.06
CA THR A 629 -2.33 -2.64 -26.66
C THR A 629 -1.49 -1.37 -26.69
N PHE A 630 -0.25 -1.45 -26.21
CA PHE A 630 0.62 -0.29 -26.18
C PHE A 630 0.77 0.33 -27.55
N TYR A 631 1.27 -0.44 -28.52
CA TYR A 631 1.49 0.12 -29.84
C TYR A 631 0.18 0.41 -30.55
N THR A 632 -0.88 -0.31 -30.21
CA THR A 632 -2.19 0.05 -30.70
C THR A 632 -2.50 1.51 -30.36
N ASP A 633 -2.34 1.86 -29.09
CA ASP A 633 -2.58 3.24 -28.69
C ASP A 633 -1.62 4.19 -29.40
N GLU A 634 -0.37 3.78 -29.58
CA GLU A 634 0.59 4.64 -30.25
C GLU A 634 0.11 5.00 -31.65
N LYS A 635 -0.27 3.99 -32.42
CA LYS A 635 -0.75 4.24 -33.77
C LYS A 635 -2.00 5.11 -33.76
N GLU A 636 -2.92 4.83 -32.84
CA GLU A 636 -4.13 5.62 -32.75
C GLU A 636 -3.81 7.08 -32.47
N LYS A 637 -2.88 7.32 -31.54
CA LYS A 637 -2.46 8.68 -31.24
C LYS A 637 -1.98 9.38 -32.49
N LYS A 638 -1.05 8.74 -33.19
CA LYS A 638 -0.41 9.41 -34.33
C LYS A 638 -1.42 9.68 -35.44
N PHE A 639 -2.33 8.74 -35.67
CA PHE A 639 -3.34 8.94 -36.71
C PHE A 639 -4.29 10.07 -36.31
N ALA A 640 -4.75 10.07 -35.07
CA ALA A 640 -5.58 11.17 -34.60
C ALA A 640 -4.88 12.51 -34.80
N VAL A 641 -3.58 12.56 -34.51
CA VAL A 641 -2.83 13.79 -34.71
C VAL A 641 -2.85 14.21 -36.17
N LEU A 642 -2.56 13.25 -37.06
CA LEU A 642 -2.53 13.57 -38.48
C LEU A 642 -3.92 13.85 -39.05
N ASN A 643 -4.96 13.24 -38.49
CA ASN A 643 -6.32 13.47 -38.98
C ASN A 643 -6.85 14.82 -38.53
N ASP A 670 8.05 10.44 -37.17
CA ASP A 670 9.30 10.68 -37.87
C ASP A 670 10.03 9.37 -38.08
N GLU A 671 11.29 9.46 -38.54
CA GLU A 671 12.06 8.25 -38.78
C GLU A 671 12.22 7.42 -37.51
N THR A 672 12.30 8.08 -36.35
CA THR A 672 12.50 7.35 -35.10
C THR A 672 11.31 6.45 -34.81
N ASP A 673 10.13 7.05 -34.70
CA ASP A 673 8.93 6.27 -34.41
C ASP A 673 8.61 5.31 -35.54
N GLU A 674 8.85 5.73 -36.78
CA GLU A 674 8.62 4.82 -37.90
C GLU A 674 9.47 3.58 -37.75
N PHE A 675 10.76 3.77 -37.48
CA PHE A 675 11.64 2.63 -37.24
C PHE A 675 11.08 1.76 -36.13
N LEU A 676 10.69 2.38 -35.02
CA LEU A 676 10.29 1.61 -33.85
C LEU A 676 9.01 0.83 -34.10
N MET A 677 7.98 1.52 -34.58
CA MET A 677 6.70 0.85 -34.79
C MET A 677 6.84 -0.26 -35.82
N ASN A 678 7.48 0.03 -36.95
CA ASN A 678 7.68 -0.99 -37.96
C ASN A 678 8.50 -2.14 -37.40
N LEU A 679 9.57 -1.83 -36.67
CA LEU A 679 10.38 -2.85 -36.04
C LEU A 679 9.52 -3.79 -35.20
N PHE A 680 8.51 -3.24 -34.53
CA PHE A 680 7.61 -4.07 -33.75
C PHE A 680 6.68 -4.86 -34.65
N PHE A 681 5.89 -4.15 -35.46
CA PHE A 681 4.84 -4.81 -36.23
C PHE A 681 5.41 -5.86 -37.16
N ASP A 682 6.67 -5.70 -37.57
CA ASP A 682 7.29 -6.70 -38.43
C ASP A 682 7.30 -8.07 -37.78
N ASN A 683 7.40 -8.11 -36.45
CA ASN A 683 7.39 -9.36 -35.70
C ASN A 683 6.12 -9.56 -34.91
N LYS A 684 5.18 -8.61 -34.97
CA LYS A 684 3.99 -8.69 -34.14
C LYS A 684 3.26 -10.01 -34.34
N LYS A 685 2.83 -10.26 -35.57
CA LYS A 685 2.04 -11.47 -35.83
C LYS A 685 2.88 -12.73 -35.63
N MET A 686 4.15 -12.69 -36.05
CA MET A 686 5.00 -13.87 -35.90
C MET A 686 5.17 -14.20 -34.43
N LEU A 687 5.49 -13.20 -33.62
CA LEU A 687 5.62 -13.43 -32.19
C LEU A 687 4.30 -13.85 -31.58
N LYS A 688 3.18 -13.36 -32.13
CA LYS A 688 1.88 -13.84 -31.68
C LYS A 688 1.77 -15.35 -31.89
N LYS A 689 2.21 -15.84 -33.04
CA LYS A 689 2.22 -17.27 -33.28
C LYS A 689 3.14 -17.98 -32.29
N LEU A 690 4.32 -17.40 -32.05
CA LEU A 690 5.25 -18.01 -31.10
C LEU A 690 4.62 -18.14 -29.73
N ALA A 691 3.84 -17.13 -29.33
CA ALA A 691 3.33 -17.08 -27.97
C ALA A 691 2.50 -18.31 -27.63
N GLU A 692 1.94 -18.98 -28.63
CA GLU A 692 1.10 -20.14 -28.37
C GLU A 692 1.91 -21.37 -27.99
N ASN A 693 3.20 -21.40 -28.28
CA ASN A 693 3.99 -22.59 -28.03
C ASN A 693 4.23 -22.78 -26.52
N PRO A 694 4.10 -24.01 -26.02
CA PRO A 694 4.50 -24.27 -24.63
C PRO A 694 5.99 -24.06 -24.41
N LYS A 695 6.45 -24.24 -23.17
CA LYS A 695 7.85 -24.10 -22.82
C LYS A 695 8.42 -22.78 -23.35
N GLU A 699 8.27 -24.76 -16.74
CA GLU A 699 7.97 -23.40 -16.30
C GLU A 699 7.46 -23.38 -14.86
N LYS A 700 7.64 -22.25 -14.20
CA LYS A 700 7.11 -22.12 -12.84
C LYS A 700 5.59 -22.25 -12.84
N LEU A 701 4.94 -21.73 -13.86
CA LEU A 701 3.48 -21.79 -13.92
C LEU A 701 2.99 -23.23 -13.91
N ILE A 702 3.67 -24.10 -14.64
CA ILE A 702 3.26 -25.49 -14.69
C ILE A 702 3.41 -26.13 -13.32
N LYS A 703 4.54 -25.89 -12.68
CA LYS A 703 4.78 -26.45 -11.35
C LYS A 703 3.70 -25.97 -10.38
N LEU A 704 3.34 -24.69 -10.47
CA LEU A 704 2.30 -24.15 -9.61
C LEU A 704 0.98 -24.85 -9.85
N ARG A 705 0.62 -25.07 -11.12
CA ARG A 705 -0.63 -25.75 -11.42
C ARG A 705 -0.63 -27.14 -10.81
N ASN A 706 0.51 -27.82 -10.90
CA ASN A 706 0.61 -29.17 -10.37
C ASN A 706 0.39 -29.18 -8.87
N THR A 707 1.05 -28.26 -8.17
CA THR A 707 0.91 -28.21 -6.72
C THR A 707 -0.52 -27.91 -6.31
N ILE A 708 -1.13 -26.96 -7.00
CA ILE A 708 -2.50 -26.59 -6.67
C ILE A 708 -3.43 -27.78 -6.86
N LEU A 709 -3.32 -28.43 -8.00
CA LEU A 709 -4.22 -29.54 -8.30
C LEU A 709 -4.04 -30.64 -7.28
N GLU A 710 -2.79 -30.96 -6.96
CA GLU A 710 -2.53 -32.03 -6.03
C GLU A 710 -3.10 -31.71 -4.66
N GLN A 711 -2.89 -30.48 -4.19
CA GLN A 711 -3.34 -30.15 -2.84
C GLN A 711 -4.85 -30.15 -2.77
N PHE A 712 -5.51 -29.66 -3.82
CA PHE A 712 -6.97 -29.64 -3.81
C PHE A 712 -7.53 -31.06 -3.80
N THR A 713 -6.93 -31.95 -4.58
CA THR A 713 -7.33 -33.36 -4.51
C THR A 713 -7.11 -33.91 -3.11
N ARG A 714 -6.00 -33.52 -2.48
CA ARG A 714 -5.76 -33.93 -1.10
C ARG A 714 -6.89 -33.47 -0.19
N SER A 715 -7.36 -32.23 -0.40
CA SER A 715 -8.48 -31.70 0.37
C SER A 715 -9.79 -32.34 -0.01
N GLU A 716 -9.88 -32.94 -1.18
CA GLU A 716 -11.11 -33.57 -1.64
C GLU A 716 -12.23 -32.53 -1.77
N ARG A 720 -10.72 -24.76 0.05
CA ARG A 720 -10.28 -23.37 0.10
C ARG A 720 -8.82 -23.23 -0.30
N GLY A 721 -8.49 -22.12 -0.94
CA GLY A 721 -7.12 -21.87 -1.35
C GLY A 721 -6.85 -20.39 -1.44
N ILE A 722 -5.59 -20.03 -1.21
CA ILE A 722 -5.14 -18.65 -1.25
C ILE A 722 -3.85 -18.56 -2.04
N ILE A 723 -3.71 -17.51 -2.83
CA ILE A 723 -2.49 -17.22 -3.55
C ILE A 723 -2.12 -15.77 -3.32
N PHE A 724 -0.84 -15.52 -3.07
CA PHE A 724 -0.29 -14.18 -2.97
C PHE A 724 0.79 -14.02 -4.02
N THR A 725 0.91 -12.81 -4.54
CA THR A 725 1.96 -12.48 -5.50
C THR A 725 2.06 -10.96 -5.56
N LYS A 726 2.88 -10.48 -6.49
CA LYS A 726 3.21 -9.06 -6.51
C LYS A 726 2.06 -8.24 -7.09
N THR A 727 1.67 -8.55 -8.32
CA THR A 727 0.91 -7.62 -9.13
C THR A 727 -0.50 -8.15 -9.39
N ARG A 728 -1.46 -7.24 -9.32
CA ARG A 728 -2.84 -7.55 -9.67
C ARG A 728 -2.90 -8.32 -10.97
N GLN A 729 -2.20 -7.80 -11.99
CA GLN A 729 -2.18 -8.45 -13.28
C GLN A 729 -1.83 -9.92 -13.15
N SER A 730 -0.92 -10.24 -12.23
CA SER A 730 -0.58 -11.64 -12.00
C SER A 730 -1.78 -12.42 -11.50
N THR A 731 -2.57 -11.82 -10.60
CA THR A 731 -3.75 -12.51 -10.11
C THR A 731 -4.71 -12.79 -11.24
N TYR A 732 -4.92 -11.82 -12.11
CA TYR A 732 -5.83 -12.01 -13.23
C TYR A 732 -5.33 -13.13 -14.14
N ALA A 733 -4.03 -13.15 -14.42
CA ALA A 733 -3.48 -14.19 -15.27
C ALA A 733 -3.68 -15.56 -14.65
N LEU A 734 -3.48 -15.67 -13.34
CA LEU A 734 -3.72 -16.95 -12.68
C LEU A 734 -5.17 -17.36 -12.80
N SER A 735 -6.09 -16.41 -12.65
CA SER A 735 -7.50 -16.72 -12.78
C SER A 735 -7.81 -17.22 -14.19
N GLN A 736 -7.25 -16.56 -15.21
CA GLN A 736 -7.42 -17.03 -16.57
C GLN A 736 -6.82 -18.40 -16.75
N TRP A 737 -5.64 -18.63 -16.16
CA TRP A 737 -5.00 -19.93 -16.31
C TRP A 737 -5.85 -21.03 -15.71
N ILE A 738 -6.47 -20.74 -14.57
CA ILE A 738 -7.40 -21.70 -13.98
C ILE A 738 -8.61 -21.88 -14.87
N MET A 739 -9.16 -20.77 -15.37
CA MET A 739 -10.37 -20.85 -16.19
C MET A 739 -10.15 -21.70 -17.43
N GLU A 740 -9.01 -21.52 -18.10
CA GLU A 740 -8.76 -22.20 -19.36
C GLU A 740 -8.29 -23.64 -19.14
N ASN A 741 -7.49 -23.87 -18.12
CA ASN A 741 -6.93 -25.20 -17.92
C ASN A 741 -8.02 -26.18 -17.52
N ALA A 742 -8.17 -27.24 -18.30
CA ALA A 742 -9.25 -28.20 -18.08
C ALA A 742 -9.01 -29.08 -16.86
N LYS A 743 -7.76 -29.24 -16.43
CA LYS A 743 -7.50 -30.06 -15.25
C LYS A 743 -8.17 -29.46 -14.02
N PHE A 744 -8.10 -28.14 -13.87
CA PHE A 744 -8.74 -27.50 -12.73
C PHE A 744 -10.25 -27.68 -12.77
N ALA A 745 -10.84 -27.59 -13.95
CA ALA A 745 -12.25 -27.90 -14.09
C ALA A 745 -12.52 -29.35 -13.70
N GLU A 746 -11.63 -30.26 -14.09
CA GLU A 746 -11.80 -31.66 -13.71
C GLU A 746 -11.81 -31.81 -12.20
N VAL A 747 -10.92 -31.11 -11.52
CA VAL A 747 -10.92 -31.10 -10.06
C VAL A 747 -12.19 -30.48 -9.51
N GLY A 748 -12.72 -29.47 -10.19
CA GLY A 748 -13.88 -28.78 -9.70
C GLY A 748 -13.60 -27.67 -8.70
N VAL A 749 -12.33 -27.28 -8.56
CA VAL A 749 -11.98 -26.23 -7.60
C VAL A 749 -12.42 -24.87 -8.13
N LYS A 750 -13.10 -24.10 -7.30
CA LYS A 750 -13.51 -22.75 -7.64
C LYS A 750 -12.33 -21.79 -7.53
N ALA A 751 -12.46 -20.65 -8.18
CA ALA A 751 -11.36 -19.69 -8.19
C ALA A 751 -11.77 -18.32 -8.74
N HIS A 752 -11.30 -17.26 -8.11
CA HIS A 752 -11.54 -15.91 -8.58
C HIS A 752 -10.46 -15.00 -8.04
N HIS A 753 -10.16 -13.93 -8.78
CA HIS A 753 -9.11 -13.01 -8.36
C HIS A 753 -9.68 -11.86 -7.56
N LEU A 754 -8.85 -11.35 -6.66
CA LEU A 754 -9.17 -10.19 -5.86
C LEU A 754 -7.97 -9.27 -5.86
N ILE A 755 -8.23 -7.96 -5.91
CA ILE A 755 -7.16 -6.98 -5.97
C ILE A 755 -7.60 -5.76 -5.17
N GLY A 756 -6.65 -4.86 -4.93
CA GLY A 756 -6.89 -3.76 -4.03
C GLY A 756 -7.75 -2.67 -4.64
N ALA A 757 -8.45 -1.95 -3.78
CA ALA A 757 -9.21 -0.79 -4.24
C ALA A 757 -8.27 0.28 -4.73
N GLY A 758 -8.80 1.19 -5.54
CA GLY A 758 -7.99 2.24 -6.11
C GLY A 758 -7.40 1.81 -7.45
N HIS A 759 -7.21 2.78 -8.33
CA HIS A 759 -6.77 2.50 -9.69
C HIS A 759 -5.25 2.51 -9.73
N SER A 760 -4.67 1.46 -10.28
CA SER A 760 -3.22 1.32 -10.38
C SER A 760 -2.74 1.24 -11.82
N SER A 761 -3.34 2.03 -12.71
CA SER A 761 -2.69 2.23 -14.00
C SER A 761 -2.56 0.94 -14.80
N GLU A 762 -3.62 0.56 -15.52
CA GLU A 762 -3.71 -0.67 -16.30
C GLU A 762 -4.30 -1.83 -15.50
N VAL A 763 -5.08 -1.52 -14.48
CA VAL A 763 -5.95 -2.51 -13.87
C VAL A 763 -7.26 -1.85 -13.50
N LYS A 764 -8.36 -2.56 -13.74
CA LYS A 764 -9.66 -2.05 -13.36
C LYS A 764 -9.74 -2.02 -11.85
N PRO A 765 -9.94 -0.86 -11.23
CA PRO A 765 -9.94 -0.80 -9.77
C PRO A 765 -11.16 -1.53 -9.22
N MET A 766 -10.92 -2.40 -8.25
CA MET A 766 -11.98 -3.10 -7.58
C MET A 766 -12.76 -2.13 -6.69
N THR A 767 -13.81 -2.65 -6.08
CA THR A 767 -14.64 -1.90 -5.15
C THR A 767 -14.58 -2.54 -3.78
N GLN A 768 -14.60 -1.69 -2.76
CA GLN A 768 -14.67 -2.20 -1.38
C GLN A 768 -15.83 -3.17 -1.26
N THR A 769 -17.00 -2.74 -1.69
CA THR A 769 -18.16 -3.62 -1.73
C THR A 769 -17.84 -4.91 -2.46
N GLU A 770 -17.24 -4.78 -3.64
CA GLU A 770 -16.91 -5.96 -4.42
C GLU A 770 -15.92 -6.84 -3.68
N GLN A 771 -14.97 -6.24 -2.97
CA GLN A 771 -14.05 -7.02 -2.16
C GLN A 771 -14.81 -7.85 -1.15
N LYS A 772 -15.76 -7.21 -0.45
CA LYS A 772 -16.60 -7.95 0.50
C LYS A 772 -17.30 -9.10 -0.20
N GLU A 773 -17.86 -8.82 -1.37
CA GLU A 773 -18.60 -9.85 -2.08
C GLU A 773 -17.72 -11.06 -2.34
N VAL A 774 -16.56 -10.84 -2.95
CA VAL A 774 -15.70 -11.95 -3.33
C VAL A 774 -15.24 -12.69 -2.08
N ILE A 775 -14.98 -11.94 -1.01
CA ILE A 775 -14.54 -12.56 0.23
C ILE A 775 -15.60 -13.50 0.77
N SER A 776 -16.85 -13.04 0.81
CA SER A 776 -17.92 -13.90 1.29
C SER A 776 -18.12 -15.09 0.35
N LYS A 777 -18.05 -14.86 -0.96
CA LYS A 777 -18.12 -15.97 -1.91
C LYS A 777 -17.11 -17.04 -1.54
N PHE A 778 -15.91 -16.62 -1.14
CA PHE A 778 -14.92 -17.57 -0.65
C PHE A 778 -15.36 -18.18 0.66
N ARG A 779 -15.86 -17.35 1.59
CA ARG A 779 -16.27 -17.83 2.89
C ARG A 779 -17.53 -18.68 2.82
N THR A 780 -18.30 -18.57 1.74
CA THR A 780 -19.48 -19.39 1.55
C THR A 780 -19.17 -20.66 0.79
N GLY A 781 -17.91 -20.89 0.45
CA GLY A 781 -17.53 -22.03 -0.35
C GLY A 781 -17.78 -21.84 -1.82
N GLU A 782 -18.33 -20.71 -2.24
CA GLU A 782 -18.58 -20.45 -3.65
C GLU A 782 -17.31 -20.08 -4.39
N ILE A 783 -16.24 -19.75 -3.67
CA ILE A 783 -14.91 -19.60 -4.23
C ILE A 783 -13.95 -20.42 -3.39
N ASN A 784 -13.18 -21.27 -4.03
CA ASN A 784 -12.29 -22.19 -3.35
C ASN A 784 -10.82 -21.80 -3.45
N LEU A 785 -10.47 -20.85 -4.33
CA LEU A 785 -9.09 -20.49 -4.58
C LEU A 785 -9.03 -18.98 -4.82
N LEU A 786 -8.67 -18.25 -3.78
CA LEU A 786 -8.61 -16.80 -3.85
C LEU A 786 -7.24 -16.35 -4.32
N ILE A 787 -7.21 -15.21 -5.01
CA ILE A 787 -6.00 -14.56 -5.47
C ILE A 787 -5.99 -13.15 -4.90
N ALA A 788 -4.85 -12.72 -4.34
CA ALA A 788 -4.84 -11.46 -3.62
C ALA A 788 -3.43 -10.88 -3.60
N THR A 789 -3.36 -9.60 -3.27
CA THR A 789 -2.13 -8.86 -3.03
C THR A 789 -2.02 -8.53 -1.55
N THR A 790 -1.01 -7.72 -1.22
CA THR A 790 -0.65 -7.41 0.16
C THR A 790 -1.86 -7.18 1.06
N VAL A 791 -2.91 -6.59 0.51
CA VAL A 791 -4.06 -6.22 1.32
C VAL A 791 -4.57 -7.41 2.09
N ALA A 792 -4.54 -8.59 1.46
CA ALA A 792 -5.04 -9.78 2.12
C ALA A 792 -4.12 -10.28 3.23
N GLU A 793 -2.85 -9.90 3.19
CA GLU A 793 -1.89 -10.45 4.14
C GLU A 793 -2.23 -10.08 5.58
N GLU A 794 -2.81 -8.90 5.80
CA GLU A 794 -3.14 -8.44 7.13
C GLU A 794 -4.62 -8.67 7.41
N GLY A 795 -4.93 -8.97 8.66
CA GLY A 795 -6.32 -9.22 9.02
C GLY A 795 -6.92 -10.31 8.16
N LEU A 796 -8.11 -10.04 7.64
CA LEU A 796 -8.84 -10.98 6.81
C LEU A 796 -8.97 -12.31 7.53
N ASP A 797 -9.56 -12.24 8.71
CA ASP A 797 -9.72 -13.41 9.55
C ASP A 797 -10.65 -14.42 8.89
N ILE A 798 -10.21 -15.67 8.82
CA ILE A 798 -11.00 -16.76 8.26
C ILE A 798 -10.89 -17.95 9.20
N LYS A 799 -12.00 -18.67 9.36
CA LYS A 799 -12.01 -19.78 10.31
C LYS A 799 -10.95 -20.81 9.95
N GLU A 800 -10.94 -21.25 8.69
CA GLU A 800 -10.02 -22.30 8.27
C GLU A 800 -9.76 -22.17 6.78
N CYS A 801 -8.50 -22.03 6.41
CA CYS A 801 -8.07 -22.06 5.03
C CYS A 801 -7.10 -23.21 4.86
N ASN A 802 -7.30 -24.01 3.82
CA ASN A 802 -6.54 -25.24 3.68
C ASN A 802 -5.17 -24.98 3.07
N ILE A 803 -5.11 -24.13 2.05
CA ILE A 803 -3.91 -23.97 1.23
C ILE A 803 -3.51 -22.51 1.22
N VAL A 804 -2.22 -22.26 1.43
CA VAL A 804 -1.62 -20.97 1.19
C VAL A 804 -0.42 -21.17 0.30
N ILE A 805 -0.37 -20.43 -0.81
CA ILE A 805 0.70 -20.56 -1.78
C ILE A 805 1.12 -19.17 -2.22
N ARG A 806 2.36 -18.81 -1.92
CA ARG A 806 2.97 -17.62 -2.47
C ARG A 806 3.60 -17.93 -3.82
N TYR A 807 3.58 -16.96 -4.71
CA TYR A 807 4.13 -17.14 -6.05
C TYR A 807 5.11 -16.01 -6.33
N GLY A 808 6.39 -16.28 -6.11
CA GLY A 808 7.43 -15.33 -6.45
C GLY A 808 7.28 -14.03 -5.69
N LEU A 809 7.02 -14.12 -4.39
CA LEU A 809 6.70 -12.93 -3.59
C LEU A 809 7.44 -13.01 -2.27
N VAL A 810 8.44 -12.14 -2.09
CA VAL A 810 9.11 -12.01 -0.80
C VAL A 810 9.57 -10.57 -0.62
N THR A 811 9.09 -9.92 0.44
CA THR A 811 9.49 -8.55 0.75
C THR A 811 10.14 -8.44 2.11
N ASN A 812 9.46 -8.86 3.16
CA ASN A 812 9.98 -8.74 4.51
C ASN A 812 9.26 -9.75 5.40
N GLU A 813 9.93 -10.12 6.48
CA GLU A 813 9.45 -11.22 7.30
C GLU A 813 8.05 -10.96 7.83
N ILE A 814 7.74 -9.71 8.15
CA ILE A 814 6.42 -9.41 8.67
C ILE A 814 5.35 -9.82 7.67
N ALA A 815 5.57 -9.49 6.39
CA ALA A 815 4.62 -9.88 5.37
C ALA A 815 4.46 -11.40 5.33
N MET A 816 5.59 -12.11 5.33
CA MET A 816 5.53 -13.56 5.20
C MET A 816 4.82 -14.19 6.39
N VAL A 817 5.17 -13.76 7.61
CA VAL A 817 4.59 -14.37 8.78
C VAL A 817 3.09 -14.11 8.85
N GLN A 818 2.69 -12.86 8.60
CA GLN A 818 1.26 -12.56 8.63
C GLN A 818 0.54 -13.34 7.55
N ALA A 819 1.18 -13.53 6.40
CA ALA A 819 0.57 -14.35 5.37
C ALA A 819 0.39 -15.78 5.84
N ARG A 820 1.39 -16.31 6.55
CA ARG A 820 1.26 -17.66 7.08
C ARG A 820 0.15 -17.73 8.12
N GLY A 821 -0.11 -16.63 8.82
CA GLY A 821 -1.13 -16.64 9.85
C GLY A 821 -2.51 -16.92 9.29
N ARG A 822 -2.77 -16.46 8.07
CA ARG A 822 -4.10 -16.56 7.49
C ARG A 822 -4.47 -18.00 7.12
N ALA A 823 -3.53 -18.93 7.20
CA ALA A 823 -3.84 -20.32 6.89
C ALA A 823 -5.01 -20.81 7.73
N ARG A 824 -4.94 -20.63 9.04
CA ARG A 824 -6.06 -20.69 9.98
C ARG A 824 -6.71 -22.06 10.09
N ALA A 825 -6.30 -23.05 9.30
CA ALA A 825 -6.91 -24.37 9.36
C ALA A 825 -6.18 -25.25 10.38
N ASP A 826 -6.94 -26.17 10.98
CA ASP A 826 -6.34 -27.12 11.92
C ASP A 826 -5.19 -27.86 11.27
N GLU A 827 -5.34 -28.22 10.00
CA GLU A 827 -4.28 -28.80 9.20
C GLU A 827 -4.01 -27.81 8.07
N SER A 828 -2.89 -27.12 8.17
CA SER A 828 -2.55 -26.05 7.25
C SER A 828 -1.24 -26.35 6.55
N THR A 829 -1.08 -25.78 5.37
CA THR A 829 0.12 -25.94 4.58
C THR A 829 0.58 -24.58 4.08
N TYR A 830 1.89 -24.35 4.12
CA TYR A 830 2.47 -23.10 3.66
C TYR A 830 3.48 -23.42 2.56
N VAL A 831 3.39 -22.70 1.46
CA VAL A 831 4.24 -22.94 0.30
C VAL A 831 4.87 -21.64 -0.14
N LEU A 832 6.02 -21.76 -0.81
CA LEU A 832 6.68 -20.60 -1.38
C LEU A 832 7.36 -21.04 -2.67
N VAL A 833 6.95 -20.44 -3.78
CA VAL A 833 7.46 -20.76 -5.10
C VAL A 833 8.36 -19.62 -5.55
N THR A 834 9.43 -19.95 -6.27
CA THR A 834 10.27 -18.92 -6.89
C THR A 834 11.36 -19.59 -7.71
N SER A 835 12.06 -18.77 -8.49
CA SER A 835 13.21 -19.24 -9.25
C SER A 835 14.38 -19.51 -8.31
N SER A 836 15.22 -20.46 -8.71
CA SER A 836 16.41 -20.77 -7.94
C SER A 836 17.56 -19.82 -8.24
N GLY A 837 17.54 -19.16 -9.39
CA GLY A 837 18.59 -18.20 -9.70
C GLY A 837 18.59 -17.01 -8.77
N SER A 838 17.41 -16.47 -8.47
CA SER A 838 17.33 -15.29 -7.63
C SER A 838 17.59 -15.67 -6.17
N GLY A 839 17.71 -14.65 -5.32
CA GLY A 839 18.01 -14.86 -3.92
C GLY A 839 16.73 -14.88 -3.13
N VAL A 840 15.63 -15.13 -3.84
CA VAL A 840 14.32 -15.13 -3.20
C VAL A 840 14.28 -16.13 -2.07
N THR A 841 14.74 -17.35 -2.33
CA THR A 841 14.82 -18.36 -1.26
C THR A 841 15.71 -17.86 -0.13
N GLU A 842 16.81 -17.19 -0.48
CA GLU A 842 17.66 -16.60 0.54
C GLU A 842 16.85 -15.65 1.42
N ARG A 843 16.05 -14.79 0.79
CA ARG A 843 15.22 -13.87 1.57
C ARG A 843 14.26 -14.61 2.46
N GLU A 844 13.69 -15.71 1.97
CA GLU A 844 12.81 -16.52 2.79
C GLU A 844 13.54 -17.00 4.04
N ILE A 845 14.76 -17.49 3.84
CA ILE A 845 15.56 -17.96 4.96
C ILE A 845 15.84 -16.81 5.92
N VAL A 846 16.10 -15.63 5.38
CA VAL A 846 16.23 -14.44 6.23
C VAL A 846 15.06 -14.36 7.17
N ASN A 847 13.87 -14.29 6.59
CA ASN A 847 12.68 -14.06 7.39
C ASN A 847 12.52 -15.14 8.46
N ASP A 848 12.92 -16.36 8.14
CA ASP A 848 12.94 -17.39 9.17
C ASP A 848 13.86 -16.99 10.32
N PHE A 849 15.09 -16.62 9.99
CA PHE A 849 16.04 -16.19 11.01
C PHE A 849 15.53 -14.97 11.76
N ARG A 850 14.84 -14.08 11.05
CA ARG A 850 14.26 -12.90 11.69
C ARG A 850 13.22 -13.30 12.71
N GLU A 851 12.37 -14.27 12.37
CA GLU A 851 11.38 -14.75 13.31
C GLU A 851 12.06 -15.23 14.57
N LYS A 852 13.12 -16.01 14.43
CA LYS A 852 13.85 -16.50 15.59
C LYS A 852 14.36 -15.33 16.42
N MET A 853 14.96 -14.35 15.74
CA MET A 853 15.55 -13.23 16.45
C MET A 853 14.51 -12.46 17.24
N LYS A 854 13.26 -12.44 16.75
CA LYS A 854 12.23 -11.68 17.45
C LYS A 854 12.07 -12.19 18.87
N TYR A 855 11.85 -13.49 19.01
CA TYR A 855 11.77 -14.08 20.35
C TYR A 855 13.06 -13.85 21.11
N LYS A 856 14.20 -14.00 20.41
CA LYS A 856 15.48 -13.85 21.09
C LYS A 856 15.58 -12.49 21.76
N ALA A 857 14.92 -11.49 21.20
CA ALA A 857 14.98 -10.15 21.75
C ALA A 857 13.85 -9.89 22.73
N ILE A 858 12.68 -10.42 22.43
CA ILE A 858 11.52 -10.23 23.30
C ILE A 858 11.83 -10.77 24.67
N ASN A 859 12.38 -11.98 24.73
CA ASN A 859 12.73 -12.56 26.02
C ASN A 859 13.84 -11.77 26.69
N ARG A 860 14.62 -11.00 25.92
CA ARG A 860 15.67 -10.19 26.51
C ARG A 860 15.11 -8.93 27.14
N VAL A 861 13.95 -8.49 26.67
CA VAL A 861 13.38 -7.25 27.17
C VAL A 861 12.32 -7.49 28.23
N GLN A 862 11.48 -8.50 28.05
CA GLN A 862 10.54 -8.87 29.09
C GLN A 862 11.27 -8.97 30.43
N ASN A 863 12.45 -9.56 30.42
CA ASN A 863 13.26 -9.71 31.62
C ASN A 863 14.25 -8.55 31.74
N MET A 864 13.68 -7.35 31.83
CA MET A 864 14.46 -6.13 31.91
C MET A 864 14.00 -5.29 33.09
N LYS A 865 14.88 -4.43 33.56
CA LYS A 865 14.58 -3.58 34.70
C LYS A 865 13.48 -2.59 34.35
N PRO A 866 12.48 -2.41 35.21
CA PRO A 866 11.49 -1.37 34.92
C PRO A 866 12.10 0.00 34.83
N GLU A 867 13.09 0.31 35.68
CA GLU A 867 13.71 1.62 35.65
C GLU A 867 14.51 1.82 34.37
N GLU A 868 15.37 0.85 34.03
CA GLU A 868 16.09 0.94 32.77
C GLU A 868 15.13 0.96 31.60
N TYR A 869 14.05 0.20 31.69
CA TYR A 869 13.03 0.24 30.65
C TYR A 869 12.49 1.65 30.49
N ALA A 870 12.17 2.29 31.61
CA ALA A 870 11.64 3.65 31.55
C ALA A 870 12.65 4.60 30.94
N HIS A 871 13.93 4.45 31.30
CA HIS A 871 14.94 5.34 30.74
C HIS A 871 15.04 5.18 29.23
N LYS A 872 15.13 3.95 28.76
CA LYS A 872 15.24 3.73 27.32
C LYS A 872 14.01 4.27 26.60
N ILE A 873 12.83 3.95 27.11
CA ILE A 873 11.60 4.37 26.46
C ILE A 873 11.50 5.89 26.44
N LEU A 874 11.83 6.53 27.56
CA LEU A 874 11.76 7.98 27.61
C LEU A 874 12.72 8.59 26.59
N GLU A 875 13.93 8.05 26.49
CA GLU A 875 14.87 8.56 25.51
C GLU A 875 14.33 8.40 24.09
N LEU A 876 13.77 7.24 23.79
CA LEU A 876 13.26 7.01 22.44
C LEU A 876 12.11 7.96 22.14
N GLN A 877 11.20 8.14 23.09
CA GLN A 877 10.08 9.06 22.87
C GLN A 877 10.59 10.47 22.63
N VAL A 878 11.57 10.90 23.43
CA VAL A 878 12.12 12.24 23.25
C VAL A 878 12.76 12.36 21.88
N GLN A 879 13.51 11.34 21.48
CA GLN A 879 14.16 11.39 20.18
C GLN A 879 13.14 11.49 19.06
N SER A 880 12.07 10.71 19.14
CA SER A 880 11.06 10.75 18.10
C SER A 880 10.42 12.12 18.01
N ILE A 881 10.10 12.71 19.16
CA ILE A 881 9.45 14.01 19.14
C ILE A 881 10.39 15.06 18.56
N LEU A 882 11.66 15.03 18.94
CA LEU A 882 12.62 15.98 18.38
C LEU A 882 12.73 15.80 16.88
N GLU A 883 12.76 14.55 16.42
CA GLU A 883 12.83 14.31 14.98
C GLU A 883 11.62 14.89 14.28
N LYS A 884 10.43 14.71 14.85
CA LYS A 884 9.25 15.24 14.20
C LYS A 884 9.29 16.76 14.14
N LYS A 885 9.75 17.40 15.22
CA LYS A 885 9.87 18.85 15.20
C LYS A 885 10.84 19.30 14.12
N MET A 886 11.97 18.61 14.00
CA MET A 886 12.93 18.97 12.96
C MET A 886 12.33 18.80 11.58
N LYS A 887 11.61 17.71 11.36
CA LYS A 887 10.99 17.48 10.06
C LYS A 887 9.99 18.59 9.75
N VAL A 888 9.21 18.99 10.75
CA VAL A 888 8.24 20.04 10.54
C VAL A 888 8.93 21.34 10.13
N LYS A 889 10.02 21.69 10.83
CA LYS A 889 10.68 22.95 10.52
C LYS A 889 11.23 22.95 9.11
N ARG A 890 11.87 21.85 8.70
CA ARG A 890 12.41 21.79 7.35
C ARG A 890 11.29 21.85 6.32
N SER A 891 10.16 21.21 6.61
CA SER A 891 9.02 21.31 5.70
C SER A 891 8.50 22.74 5.60
N ILE A 892 8.44 23.45 6.73
CA ILE A 892 7.93 24.82 6.69
C ILE A 892 8.83 25.69 5.83
N ALA A 893 10.14 25.59 6.01
CA ALA A 893 11.07 26.33 5.16
C ALA A 893 11.04 25.83 3.73
N LYS A 894 10.45 24.66 3.48
CA LYS A 894 10.47 24.07 2.15
C LYS A 894 9.78 24.97 1.12
N GLN A 895 8.48 25.19 1.27
CA GLN A 895 7.68 25.90 0.28
C GLN A 895 7.46 27.33 0.75
N TYR A 896 8.14 28.28 0.10
CA TYR A 896 8.00 29.69 0.43
C TYR A 896 8.02 30.61 -0.77
N ASN A 897 8.17 30.09 -1.99
CA ASN A 897 8.33 30.96 -3.15
C ASN A 897 6.99 31.46 -3.66
N ASP A 898 6.11 30.55 -4.07
CA ASP A 898 4.79 30.89 -4.57
C ASP A 898 4.88 31.98 -5.63
N ASN A 899 5.66 31.70 -6.66
CA ASN A 899 5.86 32.72 -7.69
C ASN A 899 4.79 32.62 -8.76
N PRO A 900 4.21 33.75 -9.15
CA PRO A 900 3.05 33.72 -10.05
C PRO A 900 3.38 33.17 -11.43
N SER A 901 4.37 33.76 -12.07
CA SER A 901 4.71 33.40 -13.44
C SER A 901 6.20 33.69 -13.63
N LEU A 902 6.97 32.64 -13.81
CA LEU A 902 8.42 32.75 -13.88
C LEU A 902 8.99 31.81 -14.92
N ILE A 903 8.14 31.13 -15.70
CA ILE A 903 8.50 29.88 -16.34
C ILE A 903 7.85 29.74 -17.70
N THR A 904 8.10 28.61 -18.34
CA THR A 904 7.38 28.20 -19.54
C THR A 904 7.32 26.68 -19.54
N LEU A 905 6.13 26.15 -19.78
CA LEU A 905 5.92 24.72 -19.84
C LEU A 905 5.97 24.25 -21.28
N LEU A 906 6.79 23.23 -21.52
CA LEU A 906 7.02 22.67 -22.84
C LEU A 906 6.60 21.21 -22.88
N CYS A 907 6.23 20.75 -24.06
CA CYS A 907 6.08 19.32 -24.24
C CYS A 907 7.44 18.67 -24.09
N LYS A 908 7.42 17.40 -23.70
CA LYS A 908 8.65 16.73 -23.33
C LYS A 908 9.22 15.86 -24.44
N ASN A 909 8.36 15.31 -25.29
CA ASN A 909 8.85 14.70 -26.53
C ASN A 909 9.37 15.78 -27.46
N CYS A 910 8.50 16.69 -27.89
CA CYS A 910 8.93 17.90 -28.55
C CYS A 910 9.07 19.00 -27.51
N SER A 911 10.23 19.64 -27.45
CA SER A 911 10.43 20.77 -26.56
C SER A 911 9.75 22.02 -27.14
N MET A 912 8.45 21.88 -27.37
CA MET A 912 7.63 22.94 -27.90
C MET A 912 6.91 23.68 -26.77
N LEU A 913 6.81 24.99 -26.92
CA LEU A 913 6.09 25.77 -25.93
C LEU A 913 4.66 25.30 -25.83
N VAL A 914 4.15 25.22 -24.60
CA VAL A 914 2.80 24.78 -24.33
C VAL A 914 2.03 25.79 -23.47
N CYS A 915 2.68 26.32 -22.44
CA CYS A 915 2.02 27.29 -21.56
C CYS A 915 3.05 28.20 -20.92
N SER A 916 2.55 29.21 -20.24
CA SER A 916 3.36 30.22 -19.58
C SER A 916 3.11 30.19 -18.07
N GLY A 917 3.86 31.03 -17.36
CA GLY A 917 3.79 31.03 -15.91
C GLY A 917 2.49 31.59 -15.38
N GLU A 918 1.78 32.38 -16.18
CA GLU A 918 0.59 33.08 -15.72
C GLU A 918 -0.69 32.60 -16.36
N ASN A 919 -0.62 32.11 -17.60
CA ASN A 919 -1.84 31.74 -18.31
C ASN A 919 -2.57 30.60 -17.60
N ILE A 920 -1.90 29.92 -16.68
CA ILE A 920 -2.51 28.84 -15.94
C ILE A 920 -3.47 29.38 -14.89
N HIS A 921 -4.39 28.53 -14.47
CA HIS A 921 -5.27 28.82 -13.35
C HIS A 921 -5.58 27.52 -12.62
N VAL A 922 -6.17 27.66 -11.44
CA VAL A 922 -6.36 26.55 -10.53
C VAL A 922 -7.85 26.39 -10.24
N ILE A 923 -8.24 25.18 -9.88
CA ILE A 923 -9.60 24.92 -9.41
C ILE A 923 -9.54 23.88 -8.30
N GLU A 924 -10.47 23.99 -7.36
CA GLU A 924 -10.54 23.08 -6.23
C GLU A 924 -9.25 23.09 -5.44
N LYS A 925 -8.45 24.14 -5.64
CA LYS A 925 -7.08 24.21 -5.13
C LYS A 925 -6.30 22.92 -5.38
N MET A 926 -6.77 22.13 -6.34
CA MET A 926 -6.07 20.91 -6.71
C MET A 926 -5.61 20.95 -8.16
N HIS A 927 -6.53 21.27 -9.05
CA HIS A 927 -6.23 21.08 -10.46
C HIS A 927 -5.70 22.34 -11.10
N HIS A 928 -5.04 22.16 -12.24
CA HIS A 928 -4.50 23.23 -13.04
C HIS A 928 -5.10 23.13 -14.44
N VAL A 929 -5.17 24.27 -15.11
CA VAL A 929 -5.81 24.35 -16.42
C VAL A 929 -5.20 25.52 -17.17
N ASN A 930 -5.37 25.51 -18.49
CA ASN A 930 -4.98 26.63 -19.33
C ASN A 930 -6.13 26.91 -20.31
N MET A 931 -6.95 27.88 -19.95
CA MET A 931 -7.89 28.50 -20.87
C MET A 931 -7.10 29.51 -21.71
N THR A 932 -7.77 30.52 -22.26
CA THR A 932 -7.13 31.40 -23.24
C THR A 932 -6.84 30.62 -24.51
N PRO A 933 -7.87 30.37 -25.32
CA PRO A 933 -7.75 29.36 -26.38
C PRO A 933 -6.58 29.57 -27.31
N GLU A 934 -5.83 30.67 -27.20
CA GLU A 934 -4.52 30.70 -27.81
C GLU A 934 -3.77 29.42 -27.50
N PHE A 935 -4.02 28.86 -26.32
CA PHE A 935 -3.58 27.51 -26.02
C PHE A 935 -4.36 26.49 -26.84
N LYS A 936 -5.68 26.69 -26.96
CA LYS A 936 -6.53 25.71 -27.62
C LYS A 936 -6.11 25.44 -29.06
N GLY A 937 -5.43 26.38 -29.70
CA GLY A 937 -4.92 26.12 -31.04
C GLY A 937 -3.91 25.00 -31.09
N LEU A 938 -3.49 24.49 -29.93
CA LEU A 938 -2.40 23.53 -29.84
C LEU A 938 -2.88 22.09 -29.73
N TYR A 939 -3.68 21.79 -28.71
CA TYR A 939 -3.82 20.42 -28.26
C TYR A 939 -4.88 19.67 -29.05
N ILE A 940 -4.85 18.35 -28.92
CA ILE A 940 -5.72 17.45 -29.65
C ILE A 940 -6.40 16.53 -28.65
N VAL A 941 -7.51 15.95 -29.10
CA VAL A 941 -8.39 15.19 -28.24
C VAL A 941 -8.52 13.76 -28.76
N ARG A 942 -8.90 12.87 -27.84
CA ARG A 942 -9.17 11.48 -28.18
C ARG A 942 -10.01 10.86 -27.08
N GLU A 943 -10.78 9.84 -27.44
CA GLU A 943 -11.57 9.11 -26.46
C GLU A 943 -11.98 7.77 -27.07
N ASN A 944 -11.83 6.71 -26.30
CA ASN A 944 -12.24 5.38 -26.72
C ASN A 944 -12.51 4.53 -25.49
N LYS A 945 -13.24 3.44 -25.71
CA LYS A 945 -13.56 2.50 -24.65
C LYS A 945 -14.35 1.32 -25.21
N THR A 956 -15.61 9.18 -18.99
CA THR A 956 -16.08 9.97 -20.12
C THR A 956 -15.20 11.20 -20.33
N ASN A 957 -14.39 11.52 -19.32
CA ASN A 957 -13.46 12.65 -19.44
C ASN A 957 -12.43 12.33 -20.50
N GLY A 958 -12.55 12.97 -21.66
CA GLY A 958 -11.68 12.65 -22.76
C GLY A 958 -10.24 13.03 -22.49
N GLU A 959 -9.35 12.37 -23.23
CA GLU A 959 -7.92 12.55 -23.06
C GLU A 959 -7.37 13.52 -24.10
N ILE A 960 -6.25 14.14 -23.74
CA ILE A 960 -5.54 15.08 -24.59
C ILE A 960 -4.27 14.43 -25.09
N ILE A 961 -3.82 14.92 -26.24
CA ILE A 961 -2.58 14.45 -26.85
C ILE A 961 -1.95 15.62 -27.60
N CYS A 962 -0.66 15.47 -27.90
CA CYS A 962 0.13 16.57 -28.45
C CYS A 962 0.04 16.62 -29.98
N LYS A 963 0.66 17.66 -30.53
CA LYS A 963 0.89 17.71 -31.97
C LYS A 963 1.88 16.65 -32.41
N CYS A 964 2.72 16.13 -31.51
CA CYS A 964 3.47 14.92 -31.86
C CYS A 964 2.61 13.68 -31.72
N GLY A 965 1.85 13.60 -30.63
CA GLY A 965 1.25 12.36 -30.21
C GLY A 965 1.48 12.14 -28.73
N GLN A 966 2.16 13.09 -28.08
CA GLN A 966 2.41 12.98 -26.65
C GLN A 966 1.12 13.16 -25.87
N ALA A 967 0.93 12.33 -24.87
CA ALA A 967 -0.24 12.44 -24.00
C ALA A 967 -0.02 13.53 -22.97
N TRP A 968 -1.06 14.30 -22.71
CA TRP A 968 -0.96 15.52 -21.91
C TRP A 968 -1.87 15.55 -20.69
N GLY A 969 -3.12 15.14 -20.83
CA GLY A 969 -4.06 15.29 -19.74
C GLY A 969 -5.48 14.89 -20.08
N THR A 970 -6.44 15.48 -19.38
CA THR A 970 -7.85 15.15 -19.53
C THR A 970 -8.68 16.41 -19.62
N MET A 971 -9.87 16.27 -20.20
CA MET A 971 -10.83 17.35 -20.28
C MET A 971 -11.79 17.20 -19.09
N MET A 972 -11.55 18.00 -18.05
CA MET A 972 -12.33 17.89 -16.82
C MET A 972 -13.61 18.69 -16.96
N VAL A 973 -14.73 18.05 -16.65
CA VAL A 973 -16.03 18.73 -16.61
C VAL A 973 -16.17 19.36 -15.23
N HIS A 974 -16.12 20.69 -15.18
CA HIS A 974 -16.32 21.42 -13.94
C HIS A 974 -17.27 22.57 -14.19
N LYS A 975 -18.41 22.55 -13.50
CA LYS A 975 -19.38 23.64 -13.54
C LYS A 975 -19.73 23.99 -14.99
N GLY A 976 -20.05 22.96 -15.76
CA GLY A 976 -20.44 23.16 -17.14
C GLY A 976 -19.27 23.38 -18.06
N LEU A 977 -18.24 24.06 -17.54
CA LEU A 977 -17.02 24.25 -18.31
C LEU A 977 -16.34 22.91 -18.57
N ASP A 978 -15.83 22.74 -19.78
CA ASP A 978 -14.98 21.59 -20.10
C ASP A 978 -13.54 22.07 -20.04
N LEU A 979 -13.07 22.28 -18.82
CA LEU A 979 -11.74 22.83 -18.62
C LEU A 979 -10.68 21.80 -18.98
N PRO A 980 -9.72 22.16 -19.83
CA PRO A 980 -8.67 21.21 -20.15
C PRO A 980 -7.61 21.10 -19.08
N CYS A 981 -7.63 20.03 -18.28
CA CYS A 981 -6.65 19.88 -17.22
C CYS A 981 -5.51 19.00 -17.72
N LEU A 982 -4.31 19.38 -17.32
CA LEU A 982 -3.09 18.72 -17.77
C LEU A 982 -2.34 18.16 -16.57
N LYS A 983 -1.48 17.19 -16.82
CA LYS A 983 -0.67 16.56 -15.79
C LYS A 983 0.77 16.98 -15.96
N ILE A 984 1.32 17.61 -14.93
CA ILE A 984 2.71 18.06 -14.91
C ILE A 984 3.62 16.87 -15.19
N ARG A 985 3.13 15.66 -14.93
CA ARG A 985 3.93 14.46 -15.10
C ARG A 985 4.35 14.25 -16.53
N ASN A 986 3.74 14.95 -17.48
CA ASN A 986 3.99 14.73 -18.89
C ASN A 986 4.35 16.04 -19.57
N PHE A 987 5.11 16.88 -18.87
CA PHE A 987 5.59 18.13 -19.42
C PHE A 987 6.92 18.48 -18.77
N VAL A 988 7.53 19.57 -19.24
CA VAL A 988 8.86 19.97 -18.80
C VAL A 988 8.90 21.47 -18.59
N VAL A 989 9.89 21.92 -17.84
CA VAL A 989 9.99 23.29 -17.35
C VAL A 989 11.09 24.03 -18.07
N ASN A 990 10.94 25.35 -18.11
CA ASN A 990 12.05 26.26 -18.45
C ASN A 990 11.84 27.55 -17.67
N PHE A 991 12.69 27.79 -16.68
CA PHE A 991 12.63 29.05 -15.96
C PHE A 991 12.89 30.20 -16.91
N LYS A 992 12.56 31.41 -16.46
CA LYS A 992 12.89 32.58 -17.25
C LYS A 992 14.40 32.72 -17.43
N ASN A 993 15.16 32.46 -16.36
CA ASN A 993 16.60 32.73 -16.34
C ASN A 993 17.40 31.46 -16.20
N ASN A 994 18.40 31.32 -17.05
CA ASN A 994 19.41 30.26 -17.04
C ASN A 994 18.86 28.93 -17.55
N SER A 995 17.55 28.82 -17.77
CA SER A 995 16.96 27.66 -18.42
C SER A 995 17.44 26.33 -17.84
N PRO A 996 17.40 26.13 -16.53
CA PRO A 996 17.68 24.79 -16.01
C PRO A 996 16.48 23.87 -16.18
N LYS A 997 16.56 22.93 -17.12
CA LYS A 997 15.40 22.08 -17.39
C LYS A 997 15.18 21.11 -16.25
N LYS A 998 13.94 21.04 -15.76
CA LYS A 998 13.61 20.25 -14.59
C LYS A 998 12.28 19.55 -14.83
N GLN A 999 11.87 18.75 -13.85
CA GLN A 999 10.73 17.87 -14.01
C GLN A 999 10.39 17.27 -12.66
N TYR A 1000 9.11 17.27 -12.31
CA TYR A 1000 8.71 17.02 -10.93
C TYR A 1000 7.78 15.84 -10.75
N LYS A 1001 6.85 15.62 -11.69
CA LYS A 1001 5.78 14.63 -11.55
C LYS A 1001 4.67 15.05 -10.60
N LYS A 1002 4.85 16.14 -9.86
CA LYS A 1002 3.83 16.56 -8.91
C LYS A 1002 3.91 18.06 -8.70
N TRP A 1003 2.78 18.72 -8.93
CA TRP A 1003 2.72 20.16 -8.79
C TRP A 1003 3.22 20.61 -7.43
N VAL A 1004 2.89 19.83 -6.39
CA VAL A 1004 3.27 20.20 -5.04
C VAL A 1004 4.78 20.32 -4.93
N GLU A 1005 5.51 19.51 -5.66
CA GLU A 1005 6.96 19.61 -5.66
C GLU A 1005 7.39 21.03 -5.98
N LEU A 1006 6.62 21.71 -6.81
CA LEU A 1006 6.96 23.05 -7.26
C LEU A 1006 6.47 24.07 -6.24
N PRO A 1007 7.35 24.87 -5.63
CA PRO A 1007 6.89 25.82 -4.61
C PRO A 1007 6.06 26.95 -5.16
N ILE A 1008 6.31 27.35 -6.41
CA ILE A 1008 5.66 28.54 -6.93
C ILE A 1008 4.18 28.28 -7.13
N ARG A 1009 3.39 29.32 -6.92
CA ARG A 1009 1.94 29.22 -6.79
C ARG A 1009 1.25 29.81 -8.01
N PHE A 1010 0.05 29.31 -8.29
CA PHE A 1010 -0.82 29.79 -9.34
C PHE A 1010 -2.15 30.23 -8.74
N PRO A 1011 -2.91 31.07 -9.44
CA PRO A 1011 -4.15 31.60 -8.89
C PRO A 1011 -5.34 30.69 -9.12
N ASP A 1012 -6.36 30.90 -8.29
CA ASP A 1012 -7.64 30.26 -8.50
C ASP A 1012 -8.42 30.99 -9.58
N LEU A 1013 -9.23 30.25 -10.31
CA LEU A 1013 -9.96 30.81 -11.44
C LEU A 1013 -11.13 31.66 -10.97
N ASP A 1014 -11.36 32.76 -11.68
CA ASP A 1014 -12.51 33.63 -11.46
C ASP A 1014 -13.39 33.54 -12.70
N TYR A 1015 -14.56 32.92 -12.55
CA TYR A 1015 -15.41 32.70 -13.71
C TYR A 1015 -15.85 34.00 -14.36
N SER A 1016 -15.83 35.11 -13.62
CA SER A 1016 -16.21 36.39 -14.21
C SER A 1016 -15.52 36.60 -15.55
N GLU A 1017 -14.31 36.09 -15.70
CA GLU A 1017 -13.62 36.17 -16.99
C GLU A 1017 -14.44 35.49 -18.08
N TYR A 1018 -14.87 34.25 -17.82
CA TYR A 1018 -15.50 33.47 -18.87
C TYR A 1018 -16.92 33.92 -19.18
N CYS A 1019 -17.48 34.83 -18.39
CA CYS A 1019 -18.87 35.23 -18.59
C CYS A 1019 -19.11 35.63 -20.04
N LEU A 1020 -20.28 35.25 -20.55
CA LEU A 1020 -20.62 35.50 -21.95
C LEU A 1020 -19.66 34.76 -22.87
PB ADP D . -6.11 -12.41 15.43
O1B ADP D . -5.50 -12.75 16.75
O2B ADP D . -5.39 -13.00 14.24
O3B ADP D . -6.51 -10.96 15.27
PA ADP D . -8.53 -12.96 16.66
O1A ADP D . -7.78 -12.46 17.85
O2A ADP D . -9.67 -12.15 16.09
O3A ADP D . -7.50 -13.20 15.44
O5' ADP D . -9.00 -14.47 16.92
C5' ADP D . -10.37 -14.84 16.79
C4' ADP D . -10.56 -16.32 17.10
O4' ADP D . -10.29 -16.58 18.48
C3' ADP D . -11.98 -16.77 16.82
O3' ADP D . -12.03 -17.54 15.61
C2' ADP D . -12.40 -17.57 18.03
O2' ADP D . -12.66 -18.94 17.68
C1' ADP D . -11.24 -17.51 19.00
N9 ADP D . -11.70 -17.09 20.33
C8 ADP D . -11.87 -15.81 20.74
N7 ADP D . -12.31 -15.79 22.04
C5 ADP D . -12.42 -17.05 22.46
C6 ADP D . -12.82 -17.73 23.71
N6 ADP D . -13.21 -17.04 24.81
N1 ADP D . -12.79 -19.08 23.72
C2 ADP D . -12.41 -19.80 22.65
N3 ADP D . -12.04 -19.25 21.49
C4 ADP D . -12.01 -17.90 21.34
AL ALF E . -4.47 -10.76 13.94
F1 ALF E . -5.57 -9.89 12.84
F2 ALF E . -3.37 -11.63 15.05
F3 ALF E . -4.21 -12.03 12.72
F4 ALF E . -4.74 -9.51 15.18
ZN ZN F . 4.85 17.45 -28.32
#